data_1N1N
# 
_entry.id   1N1N 
# 
_audit_conform.dict_name       mmcif_pdbx.dic 
_audit_conform.dict_version    5.392 
_audit_conform.dict_location   http://mmcif.pdb.org/dictionaries/ascii/mmcif_pdbx.dic 
# 
loop_
_database_2.database_id 
_database_2.database_code 
_database_2.pdbx_database_accession 
_database_2.pdbx_DOI 
PDB   1N1N         pdb_00001n1n 10.2210/pdb1n1n/pdb 
RCSB  RCSB017406   ?            ?                   
WWPDB D_1000017406 ?            ?                   
# 
loop_
_pdbx_audit_revision_history.ordinal 
_pdbx_audit_revision_history.data_content_type 
_pdbx_audit_revision_history.major_revision 
_pdbx_audit_revision_history.minor_revision 
_pdbx_audit_revision_history.revision_date 
1 'Structure model' 1 0 2003-10-28 
2 'Structure model' 1 1 2008-04-28 
3 'Structure model' 1 2 2011-07-13 
4 'Structure model' 1 3 2022-02-23 
5 'Structure model' 1 4 2024-05-22 
# 
_pdbx_audit_revision_details.ordinal             1 
_pdbx_audit_revision_details.revision_ordinal    1 
_pdbx_audit_revision_details.data_content_type   'Structure model' 
_pdbx_audit_revision_details.provider            repository 
_pdbx_audit_revision_details.type                'Initial release' 
_pdbx_audit_revision_details.description         ? 
_pdbx_audit_revision_details.details             ? 
# 
loop_
_pdbx_audit_revision_group.ordinal 
_pdbx_audit_revision_group.revision_ordinal 
_pdbx_audit_revision_group.data_content_type 
_pdbx_audit_revision_group.group 
1 2 'Structure model' 'Version format compliance' 
2 3 'Structure model' 'Version format compliance' 
3 4 'Structure model' 'Data collection'           
4 4 'Structure model' 'Database references'       
5 4 'Structure model' 'Derived calculations'      
6 5 'Structure model' 'Data collection'           
# 
loop_
_pdbx_audit_revision_category.ordinal 
_pdbx_audit_revision_category.revision_ordinal 
_pdbx_audit_revision_category.data_content_type 
_pdbx_audit_revision_category.category 
1 4 'Structure model' database_2            
2 4 'Structure model' pdbx_nmr_software     
3 4 'Structure model' pdbx_nmr_spectrometer 
4 4 'Structure model' pdbx_struct_assembly  
5 4 'Structure model' pdbx_struct_oper_list 
6 4 'Structure model' struct_conn           
7 4 'Structure model' struct_site           
8 5 'Structure model' chem_comp_atom        
9 5 'Structure model' chem_comp_bond        
# 
loop_
_pdbx_audit_revision_item.ordinal 
_pdbx_audit_revision_item.revision_ordinal 
_pdbx_audit_revision_item.data_content_type 
_pdbx_audit_revision_item.item 
1 4 'Structure model' '_database_2.pdbx_DOI'                
2 4 'Structure model' '_database_2.pdbx_database_accession' 
3 4 'Structure model' '_pdbx_nmr_software.name'             
4 4 'Structure model' '_pdbx_nmr_spectrometer.model'        
5 4 'Structure model' '_struct_conn.pdbx_leaving_atom_flag' 
6 4 'Structure model' '_struct_site.pdbx_auth_asym_id'      
7 4 'Structure model' '_struct_site.pdbx_auth_comp_id'      
8 4 'Structure model' '_struct_site.pdbx_auth_seq_id'       
# 
_pdbx_database_status.status_code                     REL 
_pdbx_database_status.entry_id                        1N1N 
_pdbx_database_status.recvd_initial_deposition_date   2002-10-18 
_pdbx_database_status.deposit_site                    RCSB 
_pdbx_database_status.process_site                    RCSB 
_pdbx_database_status.SG_entry                        . 
_pdbx_database_status.pdb_format_compatible           Y 
_pdbx_database_status.status_code_mr                  ? 
_pdbx_database_status.status_code_sf                  ? 
_pdbx_database_status.status_code_cs                  ? 
_pdbx_database_status.status_code_nmr_data            ? 
_pdbx_database_status.methods_development_category    ? 
# 
loop_
_audit_author.name 
_audit_author.pdbx_ordinal 
'Stone, M.P.' 1 
'Giri, I.'    2 
# 
_citation.id                        primary 
_citation.title                     
;Wobble dC.dA pairing 5' to the cationic guanine N7 8,9-dihydro-8-(N7-guanyl)-9-hydroxyaflatoxin B1 adduct: implications for nontargeted AFB1 mutagenesis.
;
_citation.journal_abbrev            Biochemistry 
_citation.journal_volume            42 
_citation.page_first                7023 
_citation.page_last                 7034 
_citation.year                      2003 
_citation.journal_id_ASTM           BICHAW 
_citation.country                   US 
_citation.journal_id_ISSN           0006-2960 
_citation.journal_id_CSD            0033 
_citation.book_publisher            ? 
_citation.pdbx_database_id_PubMed   12795597 
_citation.pdbx_database_id_DOI      10.1021/bi020688n 
# 
loop_
_citation_author.citation_id 
_citation_author.name 
_citation_author.ordinal 
_citation_author.identifier_ORCID 
primary 'Giri, I.'    1 ? 
primary 'Stone, M.P.' 2 ? 
# 
loop_
_entity.id 
_entity.type 
_entity.src_method 
_entity.pdbx_description 
_entity.formula_weight 
_entity.pdbx_number_of_molecules 
_entity.pdbx_ec 
_entity.pdbx_mutation 
_entity.pdbx_fragment 
_entity.details 
1 polymer     syn "5'-D(*AP*CP*AP*TP*CP*GP*AP*TP*CP*T)-3'" 3003.993 1 ? ? ? ? 
2 polymer     syn "5'-D(*AP*GP*AP*TP*CP*AP*AP*TP*GP*T)-3'" 3068.042 1 ? ? ? ? 
3 non-polymer syn '8,9-DIHYDRO-9-HYDROXY-AFLATOXIN B1'     330.289  1 ? ? ? ? 
# 
loop_
_entity_poly.entity_id 
_entity_poly.type 
_entity_poly.nstd_linkage 
_entity_poly.nstd_monomer 
_entity_poly.pdbx_seq_one_letter_code 
_entity_poly.pdbx_seq_one_letter_code_can 
_entity_poly.pdbx_strand_id 
_entity_poly.pdbx_target_identifier 
1 polydeoxyribonucleotide no no '(DA)(DC)(DA)(DT)(DC)(DG)(DA)(DT)(DC)(DT)' ACATCGATCT A ? 
2 polydeoxyribonucleotide no no '(DA)(DG)(DA)(DT)(DC)(DA)(DA)(DT)(DG)(DT)' AGATCAATGT B ? 
# 
_pdbx_entity_nonpoly.entity_id   3 
_pdbx_entity_nonpoly.name        '8,9-DIHYDRO-9-HYDROXY-AFLATOXIN B1' 
_pdbx_entity_nonpoly.comp_id     AFN 
# 
loop_
_entity_poly_seq.entity_id 
_entity_poly_seq.num 
_entity_poly_seq.mon_id 
_entity_poly_seq.hetero 
1 1  DA n 
1 2  DC n 
1 3  DA n 
1 4  DT n 
1 5  DC n 
1 6  DG n 
1 7  DA n 
1 8  DT n 
1 9  DC n 
1 10 DT n 
2 1  DA n 
2 2  DG n 
2 3  DA n 
2 4  DT n 
2 5  DC n 
2 6  DA n 
2 7  DA n 
2 8  DT n 
2 9  DG n 
2 10 DT n 
# 
loop_
_pdbx_entity_src_syn.entity_id 
_pdbx_entity_src_syn.pdbx_src_id 
_pdbx_entity_src_syn.pdbx_alt_source_flag 
_pdbx_entity_src_syn.pdbx_beg_seq_num 
_pdbx_entity_src_syn.pdbx_end_seq_num 
_pdbx_entity_src_syn.organism_scientific 
_pdbx_entity_src_syn.organism_common_name 
_pdbx_entity_src_syn.ncbi_taxonomy_id 
_pdbx_entity_src_syn.details 
1 1 sample ? ? ? ? ? 'engineered Synthetic Oligo Nulceotide' 
2 1 sample ? ? ? ? ? 'Synthetic Oligo Nulceotide'            
# 
loop_
_chem_comp.id 
_chem_comp.type 
_chem_comp.mon_nstd_flag 
_chem_comp.name 
_chem_comp.pdbx_synonyms 
_chem_comp.formula 
_chem_comp.formula_weight 
AFN non-polymer   . '8,9-DIHYDRO-9-HYDROXY-AFLATOXIN B1' ? 'C17 H14 O7'      330.289 
DA  'DNA linking' y "2'-DEOXYADENOSINE-5'-MONOPHOSPHATE" ? 'C10 H14 N5 O6 P' 331.222 
DC  'DNA linking' y "2'-DEOXYCYTIDINE-5'-MONOPHOSPHATE"  ? 'C9 H14 N3 O7 P'  307.197 
DG  'DNA linking' y "2'-DEOXYGUANOSINE-5'-MONOPHOSPHATE" ? 'C10 H14 N5 O7 P' 347.221 
DT  'DNA linking' y "THYMIDINE-5'-MONOPHOSPHATE"         ? 'C10 H15 N2 O8 P' 322.208 
# 
loop_
_pdbx_poly_seq_scheme.asym_id 
_pdbx_poly_seq_scheme.entity_id 
_pdbx_poly_seq_scheme.seq_id 
_pdbx_poly_seq_scheme.mon_id 
_pdbx_poly_seq_scheme.ndb_seq_num 
_pdbx_poly_seq_scheme.pdb_seq_num 
_pdbx_poly_seq_scheme.auth_seq_num 
_pdbx_poly_seq_scheme.pdb_mon_id 
_pdbx_poly_seq_scheme.auth_mon_id 
_pdbx_poly_seq_scheme.pdb_strand_id 
_pdbx_poly_seq_scheme.pdb_ins_code 
_pdbx_poly_seq_scheme.hetero 
A 1 1  DA 1  1  1  DA A A . n 
A 1 2  DC 2  2  2  DC C A . n 
A 1 3  DA 3  3  3  DA A A . n 
A 1 4  DT 4  4  4  DT T A . n 
A 1 5  DC 5  5  5  DC C A . n 
A 1 6  DG 6  6  6  DG G A . n 
A 1 7  DA 7  7  7  DA A A . n 
A 1 8  DT 8  8  8  DT T A . n 
A 1 9  DC 9  9  9  DC C A . n 
A 1 10 DT 10 10 10 DT T A . n 
B 2 1  DA 1  11 11 DA A B . n 
B 2 2  DG 2  12 12 DG G B . n 
B 2 3  DA 3  13 13 DA A B . n 
B 2 4  DT 4  14 14 DT T B . n 
B 2 5  DC 5  15 15 DC C B . n 
B 2 6  DA 6  16 16 DA A B . n 
B 2 7  DA 7  17 17 DA A B . n 
B 2 8  DT 8  18 18 DT T B . n 
B 2 9  DG 9  19 19 DG G B . n 
B 2 10 DT 10 20 20 DT T B . n 
# 
_pdbx_nonpoly_scheme.asym_id         C 
_pdbx_nonpoly_scheme.entity_id       3 
_pdbx_nonpoly_scheme.mon_id          AFN 
_pdbx_nonpoly_scheme.ndb_seq_num     1 
_pdbx_nonpoly_scheme.pdb_seq_num     26 
_pdbx_nonpoly_scheme.auth_seq_num    26 
_pdbx_nonpoly_scheme.pdb_mon_id      AFN 
_pdbx_nonpoly_scheme.auth_mon_id     AFN 
_pdbx_nonpoly_scheme.pdb_strand_id   A 
_pdbx_nonpoly_scheme.pdb_ins_code    . 
# 
_cell.entry_id           1N1N 
_cell.length_a           1.000 
_cell.length_b           1.000 
_cell.length_c           1.000 
_cell.angle_alpha        90.00 
_cell.angle_beta         90.00 
_cell.angle_gamma        90.00 
_cell.Z_PDB              1 
_cell.pdbx_unique_axis   ? 
# 
_symmetry.entry_id                         1N1N 
_symmetry.space_group_name_H-M             'P 1' 
_symmetry.pdbx_full_space_group_name_H-M   ? 
_symmetry.cell_setting                     ? 
_symmetry.Int_Tables_number                1 
# 
_exptl.entry_id          1N1N 
_exptl.method            'SOLUTION NMR' 
_exptl.crystals_number   ? 
# 
_exptl_crystal.id                    1 
_exptl_crystal.density_meas          ? 
_exptl_crystal.density_Matthews      ? 
_exptl_crystal.density_percent_sol   ? 
_exptl_crystal.description           ? 
# 
_diffrn.id                     1 
_diffrn.ambient_temp           ? 
_diffrn.ambient_temp_details   ? 
_diffrn.crystal_id             1 
# 
_diffrn_radiation.diffrn_id                        1 
_diffrn_radiation.wavelength_id                    1 
_diffrn_radiation.pdbx_monochromatic_or_laue_m_l   M 
_diffrn_radiation.monochromator                    ? 
_diffrn_radiation.pdbx_diffrn_protocol             'SINGLE WAVELENGTH' 
_diffrn_radiation.pdbx_scattering_type             ? 
# 
_diffrn_radiation_wavelength.id           1 
_diffrn_radiation_wavelength.wavelength   . 
_diffrn_radiation_wavelength.wt           1.0 
# 
_struct.entry_id                  1N1N 
_struct.title                     
;Structure of Mispairing of the Deoxycytosine with Deoxyadenosine 5' to the 8,9-Dihydro-8-(N7-guanyl)-9-Hydroxy-Aflatoxin B1 Adduct
;
_struct.pdbx_model_details        ? 
_struct.pdbx_CASP_flag            ? 
_struct.pdbx_model_type_details   'minimized average' 
# 
_struct_keywords.entry_id        1N1N 
_struct_keywords.pdbx_keywords   DNA 
_struct_keywords.text            
;Aflatoxin B1 adduct 5' to AC mismatch, Major conformation, DNA
;
# 
loop_
_struct_asym.id 
_struct_asym.pdbx_blank_PDB_chainid_flag 
_struct_asym.pdbx_modified 
_struct_asym.entity_id 
_struct_asym.details 
A N N 1 ? 
B N N 2 ? 
C N N 3 ? 
# 
loop_
_struct_ref.id 
_struct_ref.entity_id 
_struct_ref.db_name 
_struct_ref.db_code 
_struct_ref.pdbx_db_accession 
_struct_ref.pdbx_db_isoform 
_struct_ref.pdbx_seq_one_letter_code 
_struct_ref.pdbx_align_begin 
1 1 PDB 1N1N 1N1N ? ? ? 
2 2 PDB 1N1N 1N1N ? ? ? 
# 
loop_
_struct_ref_seq.align_id 
_struct_ref_seq.ref_id 
_struct_ref_seq.pdbx_PDB_id_code 
_struct_ref_seq.pdbx_strand_id 
_struct_ref_seq.seq_align_beg 
_struct_ref_seq.pdbx_seq_align_beg_ins_code 
_struct_ref_seq.seq_align_end 
_struct_ref_seq.pdbx_seq_align_end_ins_code 
_struct_ref_seq.pdbx_db_accession 
_struct_ref_seq.db_align_beg 
_struct_ref_seq.pdbx_db_align_beg_ins_code 
_struct_ref_seq.db_align_end 
_struct_ref_seq.pdbx_db_align_end_ins_code 
_struct_ref_seq.pdbx_auth_seq_align_beg 
_struct_ref_seq.pdbx_auth_seq_align_end 
1 1 1N1N A 1 ? 10 ? 1N1N 1  ? 10 ? 1  10 
2 2 1N1N B 1 ? 10 ? 1N1N 11 ? 20 ? 11 20 
# 
_pdbx_struct_assembly.id                   1 
_pdbx_struct_assembly.details              author_defined_assembly 
_pdbx_struct_assembly.method_details       ? 
_pdbx_struct_assembly.oligomeric_details   dimeric 
_pdbx_struct_assembly.oligomeric_count     2 
# 
_pdbx_struct_assembly_gen.assembly_id       1 
_pdbx_struct_assembly_gen.oper_expression   1 
_pdbx_struct_assembly_gen.asym_id_list      A,B,C 
# 
_pdbx_struct_oper_list.id                   1 
_pdbx_struct_oper_list.type                 'identity operation' 
_pdbx_struct_oper_list.name                 1_555 
_pdbx_struct_oper_list.symmetry_operation   x,y,z 
_pdbx_struct_oper_list.matrix[1][1]         1.0000000000 
_pdbx_struct_oper_list.matrix[1][2]         0.0000000000 
_pdbx_struct_oper_list.matrix[1][3]         0.0000000000 
_pdbx_struct_oper_list.vector[1]            0.0000000000 
_pdbx_struct_oper_list.matrix[2][1]         0.0000000000 
_pdbx_struct_oper_list.matrix[2][2]         1.0000000000 
_pdbx_struct_oper_list.matrix[2][3]         0.0000000000 
_pdbx_struct_oper_list.vector[2]            0.0000000000 
_pdbx_struct_oper_list.matrix[3][1]         0.0000000000 
_pdbx_struct_oper_list.matrix[3][2]         0.0000000000 
_pdbx_struct_oper_list.matrix[3][3]         1.0000000000 
_pdbx_struct_oper_list.vector[3]            0.0000000000 
# 
_struct_biol.id   1 
# 
loop_
_struct_conn.id 
_struct_conn.conn_type_id 
_struct_conn.pdbx_leaving_atom_flag 
_struct_conn.pdbx_PDB_id 
_struct_conn.ptnr1_label_asym_id 
_struct_conn.ptnr1_label_comp_id 
_struct_conn.ptnr1_label_seq_id 
_struct_conn.ptnr1_label_atom_id 
_struct_conn.pdbx_ptnr1_label_alt_id 
_struct_conn.pdbx_ptnr1_PDB_ins_code 
_struct_conn.pdbx_ptnr1_standard_comp_id 
_struct_conn.ptnr1_symmetry 
_struct_conn.ptnr2_label_asym_id 
_struct_conn.ptnr2_label_comp_id 
_struct_conn.ptnr2_label_seq_id 
_struct_conn.ptnr2_label_atom_id 
_struct_conn.pdbx_ptnr2_label_alt_id 
_struct_conn.pdbx_ptnr2_PDB_ins_code 
_struct_conn.ptnr1_auth_asym_id 
_struct_conn.ptnr1_auth_comp_id 
_struct_conn.ptnr1_auth_seq_id 
_struct_conn.ptnr2_auth_asym_id 
_struct_conn.ptnr2_auth_comp_id 
_struct_conn.ptnr2_auth_seq_id 
_struct_conn.ptnr2_symmetry 
_struct_conn.pdbx_ptnr3_label_atom_id 
_struct_conn.pdbx_ptnr3_label_seq_id 
_struct_conn.pdbx_ptnr3_label_comp_id 
_struct_conn.pdbx_ptnr3_label_asym_id 
_struct_conn.pdbx_ptnr3_label_alt_id 
_struct_conn.pdbx_ptnr3_PDB_ins_code 
_struct_conn.details 
_struct_conn.pdbx_dist_value 
_struct_conn.pdbx_value_order 
_struct_conn.pdbx_role 
covale1  covale none ? A DG 6  N7 ? ? ? 1_555 C AFN .  C8A ? ? A DG 6  A AFN 26 1_555 ? ? ? ? ? ? ?               1.506 ? ? 
hydrog1  hydrog ?    ? A DA 1  N1 ? ? ? 1_555 B DT  10 N3  ? ? A DA 1  B DT  20 1_555 ? ? ? ? ? ? WATSON-CRICK    ?     ? ? 
hydrog2  hydrog ?    ? A DA 1  N6 ? ? ? 1_555 B DT  10 O4  ? ? A DA 1  B DT  20 1_555 ? ? ? ? ? ? WATSON-CRICK    ?     ? ? 
hydrog3  hydrog ?    ? A DC 2  N3 ? ? ? 1_555 B DG  9  N1  ? ? A DC 2  B DG  19 1_555 ? ? ? ? ? ? WATSON-CRICK    ?     ? ? 
hydrog4  hydrog ?    ? A DC 2  N4 ? ? ? 1_555 B DG  9  O6  ? ? A DC 2  B DG  19 1_555 ? ? ? ? ? ? WATSON-CRICK    ?     ? ? 
hydrog5  hydrog ?    ? A DC 2  O2 ? ? ? 1_555 B DG  9  N2  ? ? A DC 2  B DG  19 1_555 ? ? ? ? ? ? WATSON-CRICK    ?     ? ? 
hydrog6  hydrog ?    ? A DA 3  N1 ? ? ? 1_555 B DT  8  N3  ? ? A DA 3  B DT  18 1_555 ? ? ? ? ? ? WATSON-CRICK    ?     ? ? 
hydrog7  hydrog ?    ? A DA 3  N6 ? ? ? 1_555 B DT  8  O4  ? ? A DA 3  B DT  18 1_555 ? ? ? ? ? ? WATSON-CRICK    ?     ? ? 
hydrog8  hydrog ?    ? A DT 4  N3 ? ? ? 1_555 B DA  7  N1  ? ? A DT 4  B DA  17 1_555 ? ? ? ? ? ? WATSON-CRICK    ?     ? ? 
hydrog9  hydrog ?    ? A DT 4  O4 ? ? ? 1_555 B DA  7  N6  ? ? A DT 4  B DA  17 1_555 ? ? ? ? ? ? WATSON-CRICK    ?     ? ? 
hydrog10 hydrog ?    ? A DC 5  N3 ? ? ? 1_555 B DA  6  N6  ? ? A DC 5  B DA  16 1_555 ? ? ? ? ? ? 'DC-DA MISPAIR' ?     ? ? 
hydrog11 hydrog ?    ? A DG 6  N1 ? ? ? 1_555 B DC  5  N3  ? ? A DG 6  B DC  15 1_555 ? ? ? ? ? ? WATSON-CRICK    ?     ? ? 
hydrog12 hydrog ?    ? A DG 6  N2 ? ? ? 1_555 B DC  5  O2  ? ? A DG 6  B DC  15 1_555 ? ? ? ? ? ? WATSON-CRICK    ?     ? ? 
hydrog13 hydrog ?    ? A DG 6  O6 ? ? ? 1_555 B DC  5  N4  ? ? A DG 6  B DC  15 1_555 ? ? ? ? ? ? WATSON-CRICK    ?     ? ? 
hydrog14 hydrog ?    ? A DA 7  N1 ? ? ? 1_555 B DT  4  N3  ? ? A DA 7  B DT  14 1_555 ? ? ? ? ? ? WATSON-CRICK    ?     ? ? 
hydrog15 hydrog ?    ? A DA 7  N6 ? ? ? 1_555 B DT  4  O4  ? ? A DA 7  B DT  14 1_555 ? ? ? ? ? ? WATSON-CRICK    ?     ? ? 
hydrog16 hydrog ?    ? A DT 8  N3 ? ? ? 1_555 B DA  3  N1  ? ? A DT 8  B DA  13 1_555 ? ? ? ? ? ? WATSON-CRICK    ?     ? ? 
hydrog17 hydrog ?    ? A DT 8  O4 ? ? ? 1_555 B DA  3  N6  ? ? A DT 8  B DA  13 1_555 ? ? ? ? ? ? WATSON-CRICK    ?     ? ? 
hydrog18 hydrog ?    ? A DC 9  N3 ? ? ? 1_555 B DG  2  N1  ? ? A DC 9  B DG  12 1_555 ? ? ? ? ? ? WATSON-CRICK    ?     ? ? 
hydrog19 hydrog ?    ? A DC 9  N4 ? ? ? 1_555 B DG  2  O6  ? ? A DC 9  B DG  12 1_555 ? ? ? ? ? ? WATSON-CRICK    ?     ? ? 
hydrog20 hydrog ?    ? A DC 9  O2 ? ? ? 1_555 B DG  2  N2  ? ? A DC 9  B DG  12 1_555 ? ? ? ? ? ? WATSON-CRICK    ?     ? ? 
hydrog21 hydrog ?    ? A DT 10 N3 ? ? ? 1_555 B DA  1  N1  ? ? A DT 10 B DA  11 1_555 ? ? ? ? ? ? WATSON-CRICK    ?     ? ? 
hydrog22 hydrog ?    ? A DT 10 O4 ? ? ? 1_555 B DA  1  N6  ? ? A DT 10 B DA  11 1_555 ? ? ? ? ? ? WATSON-CRICK    ?     ? ? 
# 
loop_
_struct_conn_type.id 
_struct_conn_type.criteria 
_struct_conn_type.reference 
covale ? ? 
hydrog ? ? 
# 
_struct_site.id                   AC1 
_struct_site.pdbx_evidence_code   Software 
_struct_site.pdbx_auth_asym_id    A 
_struct_site.pdbx_auth_comp_id    AFN 
_struct_site.pdbx_auth_seq_id     26 
_struct_site.pdbx_auth_ins_code   ? 
_struct_site.pdbx_num_residues    4 
_struct_site.details              'BINDING SITE FOR RESIDUE AFN A 26' 
# 
loop_
_struct_site_gen.id 
_struct_site_gen.site_id 
_struct_site_gen.pdbx_num_res 
_struct_site_gen.label_comp_id 
_struct_site_gen.label_asym_id 
_struct_site_gen.label_seq_id 
_struct_site_gen.pdbx_auth_ins_code 
_struct_site_gen.auth_comp_id 
_struct_site_gen.auth_asym_id 
_struct_site_gen.auth_seq_id 
_struct_site_gen.label_atom_id 
_struct_site_gen.label_alt_id 
_struct_site_gen.symmetry 
_struct_site_gen.details 
1 AC1 4 DC A 5 ? DC A 5  . ? 1_555 ? 
2 AC1 4 DG A 6 ? DG A 6  . ? 1_555 ? 
3 AC1 4 DC B 5 ? DC B 15 . ? 1_555 ? 
4 AC1 4 DA B 6 ? DA B 16 . ? 1_555 ? 
# 
loop_
_pdbx_validate_rmsd_angle.id 
_pdbx_validate_rmsd_angle.PDB_model_num 
_pdbx_validate_rmsd_angle.auth_atom_id_1 
_pdbx_validate_rmsd_angle.auth_asym_id_1 
_pdbx_validate_rmsd_angle.auth_comp_id_1 
_pdbx_validate_rmsd_angle.auth_seq_id_1 
_pdbx_validate_rmsd_angle.PDB_ins_code_1 
_pdbx_validate_rmsd_angle.label_alt_id_1 
_pdbx_validate_rmsd_angle.auth_atom_id_2 
_pdbx_validate_rmsd_angle.auth_asym_id_2 
_pdbx_validate_rmsd_angle.auth_comp_id_2 
_pdbx_validate_rmsd_angle.auth_seq_id_2 
_pdbx_validate_rmsd_angle.PDB_ins_code_2 
_pdbx_validate_rmsd_angle.label_alt_id_2 
_pdbx_validate_rmsd_angle.auth_atom_id_3 
_pdbx_validate_rmsd_angle.auth_asym_id_3 
_pdbx_validate_rmsd_angle.auth_comp_id_3 
_pdbx_validate_rmsd_angle.auth_seq_id_3 
_pdbx_validate_rmsd_angle.PDB_ins_code_3 
_pdbx_validate_rmsd_angle.label_alt_id_3 
_pdbx_validate_rmsd_angle.angle_value 
_pdbx_validate_rmsd_angle.angle_target_value 
_pdbx_validate_rmsd_angle.angle_deviation 
_pdbx_validate_rmsd_angle.angle_standard_deviation 
_pdbx_validate_rmsd_angle.linker_flag 
1  1 "O4'" A DA 1  ? ? "C1'" A DA 1  ? ? N9    A DA 1  ? ? 111.40 108.30 3.10  0.30 N 
2  1 C5    A DA 1  ? ? C6    A DA 1  ? ? N1    A DA 1  ? ? 120.72 117.70 3.02  0.50 N 
3  1 N3    A DC 2  ? ? C2    A DC 2  ? ? O2    A DC 2  ? ? 117.49 121.90 -4.41 0.70 N 
4  1 "C3'" A DT 4  ? ? "C2'" A DT 4  ? ? "C1'" A DT 4  ? ? 97.45  102.40 -4.95 0.80 N 
5  1 "O4'" A DT 4  ? ? "C1'" A DT 4  ? ? N1    A DT 4  ? ? 112.42 108.30 4.12  0.30 N 
6  1 C6    A DT 4  ? ? C5    A DT 4  ? ? C7    A DT 4  ? ? 118.66 122.90 -4.24 0.60 N 
7  1 "O4'" A DC 5  ? ? "C1'" A DC 5  ? ? N1    A DC 5  ? ? 111.45 108.30 3.15  0.30 N 
8  1 "O4'" A DG 6  ? ? "C1'" A DG 6  ? ? N9    A DG 6  ? ? 110.63 108.30 2.33  0.30 N 
9  1 C5    A DA 7  ? ? C6    A DA 7  ? ? N1    A DA 7  ? ? 120.78 117.70 3.08  0.50 N 
10 1 N1    A DA 7  ? ? C6    A DA 7  ? ? N6    A DA 7  ? ? 114.13 118.60 -4.47 0.60 N 
11 1 "O4'" A DT 8  ? ? "C1'" A DT 8  ? ? N1    A DT 8  ? ? 110.35 108.30 2.05  0.30 N 
12 1 C6    A DT 8  ? ? C5    A DT 8  ? ? C7    A DT 8  ? ? 118.29 122.90 -4.61 0.60 N 
13 1 C5    B DA 11 ? ? C6    B DA 11 ? ? N1    B DA 11 ? ? 120.89 117.70 3.19  0.50 N 
14 1 N1    B DA 11 ? ? C6    B DA 11 ? ? N6    B DA 11 ? ? 113.56 118.60 -5.04 0.60 N 
15 1 N1    B DA 13 ? ? C6    B DA 13 ? ? N6    B DA 13 ? ? 113.92 118.60 -4.68 0.60 N 
16 1 C6    B DT 14 ? ? C5    B DT 14 ? ? C7    B DT 14 ? ? 118.33 122.90 -4.57 0.60 N 
17 1 N1    B DC 15 ? ? C2    B DC 15 ? ? O2    B DC 15 ? ? 122.51 118.90 3.61  0.60 N 
18 1 C4    B DA 16 ? ? C5    B DA 16 ? ? C6    B DA 16 ? ? 112.93 117.00 -4.07 0.50 N 
19 1 C5    B DA 16 ? ? C6    B DA 16 ? ? N1    B DA 16 ? ? 121.11 117.70 3.41  0.50 N 
20 1 N1    B DA 16 ? ? C6    B DA 16 ? ? N6    B DA 16 ? ? 108.77 118.60 -9.83 0.60 N 
21 1 C5    B DA 16 ? ? C6    B DA 16 ? ? N6    B DA 16 ? ? 130.01 123.70 6.31  0.80 N 
22 1 "O4'" B DA 17 ? ? "C1'" B DA 17 ? ? N9    B DA 17 ? ? 110.69 108.30 2.39  0.30 N 
23 1 C5    B DA 17 ? ? C6    B DA 17 ? ? N1    B DA 17 ? ? 121.03 117.70 3.33  0.50 N 
24 1 N1    B DA 17 ? ? C6    B DA 17 ? ? N6    B DA 17 ? ? 114.52 118.60 -4.08 0.60 N 
25 1 "O4'" B DT 18 ? ? "C1'" B DT 18 ? ? N1    B DT 18 ? ? 112.66 108.30 4.36  0.30 N 
26 1 C6    B DT 18 ? ? C5    B DT 18 ? ? C7    B DT 18 ? ? 119.12 122.90 -3.78 0.60 N 
27 1 "O4'" B DG 19 ? ? "C1'" B DG 19 ? ? N9    B DG 19 ? ? 110.44 108.30 2.14  0.30 N 
28 1 N1    B DG 19 ? ? C6    B DG 19 ? ? O6    B DG 19 ? ? 116.08 119.90 -3.82 0.60 N 
29 1 C6    B DT 20 ? ? C5    B DT 20 ? ? C7    B DT 20 ? ? 118.84 122.90 -4.06 0.60 N 
# 
loop_
_pdbx_validate_planes.id 
_pdbx_validate_planes.PDB_model_num 
_pdbx_validate_planes.auth_comp_id 
_pdbx_validate_planes.auth_asym_id 
_pdbx_validate_planes.auth_seq_id 
_pdbx_validate_planes.PDB_ins_code 
_pdbx_validate_planes.label_alt_id 
_pdbx_validate_planes.rmsd 
_pdbx_validate_planes.type 
1 1 DC A 5  ? ? 0.061 'SIDE CHAIN' 
2 1 DG A 6  ? ? 0.141 'SIDE CHAIN' 
3 1 DA A 7  ? ? 0.055 'SIDE CHAIN' 
4 1 DC A 9  ? ? 0.070 'SIDE CHAIN' 
5 1 DC B 15 ? ? 0.130 'SIDE CHAIN' 
6 1 DT B 18 ? ? 0.095 'SIDE CHAIN' 
# 
_pdbx_nmr_ensemble.entry_id                                      1N1N 
_pdbx_nmr_ensemble.conformers_calculated_total_number            20 
_pdbx_nmr_ensemble.conformers_submitted_total_number             1 
_pdbx_nmr_ensemble.conformer_selection_criteria                  ? 
_pdbx_nmr_ensemble.average_constraints_per_residue               ? 
_pdbx_nmr_ensemble.average_constraint_violations_per_residue     ? 
_pdbx_nmr_ensemble.maximum_distance_constraint_violation         ? 
_pdbx_nmr_ensemble.average_distance_constraint_violation         ? 
_pdbx_nmr_ensemble.maximum_upper_distance_constraint_violation   ? 
_pdbx_nmr_ensemble.maximum_lower_distance_constraint_violation   ? 
_pdbx_nmr_ensemble.distance_constraint_violation_method          ? 
_pdbx_nmr_ensemble.maximum_torsion_angle_constraint_violation    ? 
_pdbx_nmr_ensemble.average_torsion_angle_constraint_violation    ? 
_pdbx_nmr_ensemble.torsion_angle_constraint_violation_method     ? 
# 
_pdbx_nmr_representative.entry_id             1N1N 
_pdbx_nmr_representative.conformer_id         1 
_pdbx_nmr_representative.selection_criteria   'minimized average structure' 
# 
loop_
_pdbx_nmr_sample_details.solution_id 
_pdbx_nmr_sample_details.contents 
_pdbx_nmr_sample_details.solvent_system 
1 
'the sample was dissolved in 0.5 mL of 0.01 M sodium phosphate buffer for NMR containing 0.1 M NaCl and 0.05 mM Na2EDTA at pH 7.2' 
'The sample was dissolved in 99.96% D2O.'  
2 
;the sample was dissolved in 0.5 mL of 0.01 M sodium phosphate buffer containing 0.1 M NaCl and 0.05 mM Na2EDTA at pH  6.7 for NMR studies
;
'The sample was dissolved in 99.96% D2O.'  
3 
;the ample was dissolved in 0.5 mL of 0.01 M sodium phosphate buffer containing 0.1 M NaCl and 0.05 mM Na2EDTA at pH 7.2 for NMR studies
;
'the sample was dissolved in 9:1 H2O:D2O.' 
# 
loop_
_pdbx_nmr_exptl_sample_conditions.conditions_id 
_pdbx_nmr_exptl_sample_conditions.temperature 
_pdbx_nmr_exptl_sample_conditions.pressure 
_pdbx_nmr_exptl_sample_conditions.pH 
_pdbx_nmr_exptl_sample_conditions.ionic_strength 
_pdbx_nmr_exptl_sample_conditions.pressure_units 
_pdbx_nmr_exptl_sample_conditions.temperature_units 
1 278 ambient 7.2 '0.01 M sodium phosphate buffer containing 0.1 M NaCl and 0.05 mM Na2EDTA' ? K 
2 278 ambient 6.7 '0.01 M sodium phosphate buffer containing 0.1 M NaCl and 0.05 mM Na2EDTA' ? K 
3 278 ambient 7.2 '0.01 M sodium phosphate buffer containing 0.1 M NaCl and 0.05 mM Na2EDTA' ? K 
# 
loop_
_pdbx_nmr_exptl.experiment_id 
_pdbx_nmr_exptl.solution_id 
_pdbx_nmr_exptl.conditions_id 
_pdbx_nmr_exptl.type 
1 1 1 '2D NOESY' 
2 1 1 DQF-COSY   
3 1 1 P-COSY     
4 2 2 '2D NOESY' 
5 3 3 '2D NOESY' 
# 
_pdbx_nmr_details.entry_id   1N1N 
_pdbx_nmr_details.text       'This structure was determined using standard 2D homonuclear techniques.' 
# 
_pdbx_nmr_refine.entry_id           1N1N 
_pdbx_nmr_refine.method             
;distance geometry 
simulated annealing 
NMR data : Felix 97, 2000 
molecular dynamics : XPLOR, AMBER 
matrix relaxation CORMA 
torsion angle dynamics 
Gaussian 98, INSIGHTII (2000)
;
_pdbx_nmr_refine.details            
;Distance was calculated using RANDMARDI protocol from MARDIGRAS. The 20 structures obtained from molecular dynamics simulation using X-PLOR starting from random, and B-starting structures. The final structure emerged from average of 20 simulated annealing structure from B-form starting structure. The average structure was solvated using X-LEAP protocol in AMBER 6.0, and subjected to 1.4 ns MD simulation using AMBER 6.0 SANDER module, in presence of counter IONs. The final structure was obtained by energy minimization of simulated structure. Solvent, and counter ions were omitted. Back Calculations were performed using CORMA.
;
_pdbx_nmr_refine.software_ordinal   1 
# 
loop_
_pdbx_nmr_software.name 
_pdbx_nmr_software.version 
_pdbx_nmr_software.classification 
_pdbx_nmr_software.authors 
_pdbx_nmr_software.ordinal 
X-PLOR       6.5        refinement                    Brunger                          1 
'Insight II' 2000       'structure solution'          'Accelaris Inc'                  2 
Felix        '97, 2000' 'data analysis'               'Accelaris INC'                  3 
MARDIGRAS    '5.2, 6.2' 'iterative matrix relaxation' 'Borgias, B. A., & James, T. L.' 4 
Amber        6.0        refinement                    Case                             5 
XwinNMR      3          collection                    'Bruker Inc'                     6 
# 
loop_
_chem_comp_atom.comp_id 
_chem_comp_atom.atom_id 
_chem_comp_atom.type_symbol 
_chem_comp_atom.pdbx_aromatic_flag 
_chem_comp_atom.pdbx_stereo_config 
_chem_comp_atom.pdbx_ordinal 
AFN C8A    C N N 1   
AFN C9     C N R 2   
AFN O9     O N N 3   
AFN C9A    C N R 4   
AFN C9B    C Y N 5   
AFN O7     O N N 6   
AFN C6A    C N R 7   
AFN O6A    O N N 8   
AFN C5A    C Y N 9   
AFN C5B    C Y N 10  
AFN C4B    C Y N 11  
AFN O4     O N N 12  
AFN CM     C N N 13  
AFN C4A    C Y N 14  
AFN C10    C Y N 15  
AFN O10    O Y N 16  
AFN C11    C Y N 17  
AFN O11    O N N 18  
AFN C12    C Y N 19  
AFN C3A    C Y N 20  
AFN C3     C N N 21  
AFN C2A    C N N 22  
AFN C1     C N N 23  
AFN O1     O N N 24  
AFN H8A2   H N N 25  
AFN H8A    H N N 26  
AFN H9     H N N 27  
AFN HO9    H N N 28  
AFN H9A    H N N 29  
AFN H6A    H N N 30  
AFN H5B    H N N 31  
AFN HM1    H N N 32  
AFN HM2    H N N 33  
AFN HM3    H N N 34  
AFN H31    H N N 35  
AFN H32    H N N 36  
AFN H2A1   H N N 37  
AFN H2A2   H N N 38  
DA  OP3    O N N 39  
DA  P      P N N 40  
DA  OP1    O N N 41  
DA  OP2    O N N 42  
DA  "O5'"  O N N 43  
DA  "C5'"  C N N 44  
DA  "C4'"  C N R 45  
DA  "O4'"  O N N 46  
DA  "C3'"  C N S 47  
DA  "O3'"  O N N 48  
DA  "C2'"  C N N 49  
DA  "C1'"  C N R 50  
DA  N9     N Y N 51  
DA  C8     C Y N 52  
DA  N7     N Y N 53  
DA  C5     C Y N 54  
DA  C6     C Y N 55  
DA  N6     N N N 56  
DA  N1     N Y N 57  
DA  C2     C Y N 58  
DA  N3     N Y N 59  
DA  C4     C Y N 60  
DA  HOP3   H N N 61  
DA  HOP2   H N N 62  
DA  "H5'"  H N N 63  
DA  "H5''" H N N 64  
DA  "H4'"  H N N 65  
DA  "H3'"  H N N 66  
DA  "HO3'" H N N 67  
DA  "H2'"  H N N 68  
DA  "H2''" H N N 69  
DA  "H1'"  H N N 70  
DA  H8     H N N 71  
DA  H61    H N N 72  
DA  H62    H N N 73  
DA  H2     H N N 74  
DC  OP3    O N N 75  
DC  P      P N N 76  
DC  OP1    O N N 77  
DC  OP2    O N N 78  
DC  "O5'"  O N N 79  
DC  "C5'"  C N N 80  
DC  "C4'"  C N R 81  
DC  "O4'"  O N N 82  
DC  "C3'"  C N S 83  
DC  "O3'"  O N N 84  
DC  "C2'"  C N N 85  
DC  "C1'"  C N R 86  
DC  N1     N N N 87  
DC  C2     C N N 88  
DC  O2     O N N 89  
DC  N3     N N N 90  
DC  C4     C N N 91  
DC  N4     N N N 92  
DC  C5     C N N 93  
DC  C6     C N N 94  
DC  HOP3   H N N 95  
DC  HOP2   H N N 96  
DC  "H5'"  H N N 97  
DC  "H5''" H N N 98  
DC  "H4'"  H N N 99  
DC  "H3'"  H N N 100 
DC  "HO3'" H N N 101 
DC  "H2'"  H N N 102 
DC  "H2''" H N N 103 
DC  "H1'"  H N N 104 
DC  H41    H N N 105 
DC  H42    H N N 106 
DC  H5     H N N 107 
DC  H6     H N N 108 
DG  OP3    O N N 109 
DG  P      P N N 110 
DG  OP1    O N N 111 
DG  OP2    O N N 112 
DG  "O5'"  O N N 113 
DG  "C5'"  C N N 114 
DG  "C4'"  C N R 115 
DG  "O4'"  O N N 116 
DG  "C3'"  C N S 117 
DG  "O3'"  O N N 118 
DG  "C2'"  C N N 119 
DG  "C1'"  C N R 120 
DG  N9     N Y N 121 
DG  C8     C Y N 122 
DG  N7     N Y N 123 
DG  C5     C Y N 124 
DG  C6     C N N 125 
DG  O6     O N N 126 
DG  N1     N N N 127 
DG  C2     C N N 128 
DG  N2     N N N 129 
DG  N3     N N N 130 
DG  C4     C Y N 131 
DG  HOP3   H N N 132 
DG  HOP2   H N N 133 
DG  "H5'"  H N N 134 
DG  "H5''" H N N 135 
DG  "H4'"  H N N 136 
DG  "H3'"  H N N 137 
DG  "HO3'" H N N 138 
DG  "H2'"  H N N 139 
DG  "H2''" H N N 140 
DG  "H1'"  H N N 141 
DG  H8     H N N 142 
DG  H1     H N N 143 
DG  H21    H N N 144 
DG  H22    H N N 145 
DT  OP3    O N N 146 
DT  P      P N N 147 
DT  OP1    O N N 148 
DT  OP2    O N N 149 
DT  "O5'"  O N N 150 
DT  "C5'"  C N N 151 
DT  "C4'"  C N R 152 
DT  "O4'"  O N N 153 
DT  "C3'"  C N S 154 
DT  "O3'"  O N N 155 
DT  "C2'"  C N N 156 
DT  "C1'"  C N R 157 
DT  N1     N N N 158 
DT  C2     C N N 159 
DT  O2     O N N 160 
DT  N3     N N N 161 
DT  C4     C N N 162 
DT  O4     O N N 163 
DT  C5     C N N 164 
DT  C7     C N N 165 
DT  C6     C N N 166 
DT  HOP3   H N N 167 
DT  HOP2   H N N 168 
DT  "H5'"  H N N 169 
DT  "H5''" H N N 170 
DT  "H4'"  H N N 171 
DT  "H3'"  H N N 172 
DT  "HO3'" H N N 173 
DT  "H2'"  H N N 174 
DT  "H2''" H N N 175 
DT  "H1'"  H N N 176 
DT  H3     H N N 177 
DT  H71    H N N 178 
DT  H72    H N N 179 
DT  H73    H N N 180 
DT  H6     H N N 181 
# 
loop_
_chem_comp_bond.comp_id 
_chem_comp_bond.atom_id_1 
_chem_comp_bond.atom_id_2 
_chem_comp_bond.value_order 
_chem_comp_bond.pdbx_aromatic_flag 
_chem_comp_bond.pdbx_stereo_config 
_chem_comp_bond.pdbx_ordinal 
AFN C8A   C9     sing N N 1   
AFN C8A   O7     sing N N 2   
AFN C8A   H8A2   sing N N 3   
AFN C8A   H8A    sing N N 4   
AFN C9    O9     sing N N 5   
AFN C9    C9A    sing N N 6   
AFN C9    H9     sing N N 7   
AFN O9    HO9    sing N N 8   
AFN C9A   C9B    sing N N 9   
AFN C9A   C6A    sing N N 10  
AFN C9A   H9A    sing N N 11  
AFN C9B   C5A    doub Y N 12  
AFN C9B   C10    sing Y N 13  
AFN O7    C6A    sing N N 14  
AFN C6A   O6A    sing N N 15  
AFN C6A   H6A    sing N N 16  
AFN O6A   C5A    sing N N 17  
AFN C5A   C5B    sing Y N 18  
AFN C5B   C4B    doub Y N 19  
AFN C5B   H5B    sing N N 20  
AFN C4B   O4     sing N N 21  
AFN C4B   C4A    sing Y N 22  
AFN O4    CM     sing N N 23  
AFN CM    HM1    sing N N 24  
AFN CM    HM2    sing N N 25  
AFN CM    HM3    sing N N 26  
AFN C4A   C10    doub Y N 27  
AFN C4A   C3A    sing Y N 28  
AFN C10   O10    sing Y N 29  
AFN O10   C11    sing Y N 30  
AFN C11   O11    doub N N 31  
AFN C11   C12    sing Y N 32  
AFN C12   C3A    doub Y N 33  
AFN C12   C1     sing N N 34  
AFN C3A   C3     sing N N 35  
AFN C3    C2A    sing N N 36  
AFN C3    H31    sing N N 37  
AFN C3    H32    sing N N 38  
AFN C2A   C1     sing N N 39  
AFN C2A   H2A1   sing N N 40  
AFN C2A   H2A2   sing N N 41  
AFN C1    O1     doub N N 42  
DA  OP3   P      sing N N 43  
DA  OP3   HOP3   sing N N 44  
DA  P     OP1    doub N N 45  
DA  P     OP2    sing N N 46  
DA  P     "O5'"  sing N N 47  
DA  OP2   HOP2   sing N N 48  
DA  "O5'" "C5'"  sing N N 49  
DA  "C5'" "C4'"  sing N N 50  
DA  "C5'" "H5'"  sing N N 51  
DA  "C5'" "H5''" sing N N 52  
DA  "C4'" "O4'"  sing N N 53  
DA  "C4'" "C3'"  sing N N 54  
DA  "C4'" "H4'"  sing N N 55  
DA  "O4'" "C1'"  sing N N 56  
DA  "C3'" "O3'"  sing N N 57  
DA  "C3'" "C2'"  sing N N 58  
DA  "C3'" "H3'"  sing N N 59  
DA  "O3'" "HO3'" sing N N 60  
DA  "C2'" "C1'"  sing N N 61  
DA  "C2'" "H2'"  sing N N 62  
DA  "C2'" "H2''" sing N N 63  
DA  "C1'" N9     sing N N 64  
DA  "C1'" "H1'"  sing N N 65  
DA  N9    C8     sing Y N 66  
DA  N9    C4     sing Y N 67  
DA  C8    N7     doub Y N 68  
DA  C8    H8     sing N N 69  
DA  N7    C5     sing Y N 70  
DA  C5    C6     sing Y N 71  
DA  C5    C4     doub Y N 72  
DA  C6    N6     sing N N 73  
DA  C6    N1     doub Y N 74  
DA  N6    H61    sing N N 75  
DA  N6    H62    sing N N 76  
DA  N1    C2     sing Y N 77  
DA  C2    N3     doub Y N 78  
DA  C2    H2     sing N N 79  
DA  N3    C4     sing Y N 80  
DC  OP3   P      sing N N 81  
DC  OP3   HOP3   sing N N 82  
DC  P     OP1    doub N N 83  
DC  P     OP2    sing N N 84  
DC  P     "O5'"  sing N N 85  
DC  OP2   HOP2   sing N N 86  
DC  "O5'" "C5'"  sing N N 87  
DC  "C5'" "C4'"  sing N N 88  
DC  "C5'" "H5'"  sing N N 89  
DC  "C5'" "H5''" sing N N 90  
DC  "C4'" "O4'"  sing N N 91  
DC  "C4'" "C3'"  sing N N 92  
DC  "C4'" "H4'"  sing N N 93  
DC  "O4'" "C1'"  sing N N 94  
DC  "C3'" "O3'"  sing N N 95  
DC  "C3'" "C2'"  sing N N 96  
DC  "C3'" "H3'"  sing N N 97  
DC  "O3'" "HO3'" sing N N 98  
DC  "C2'" "C1'"  sing N N 99  
DC  "C2'" "H2'"  sing N N 100 
DC  "C2'" "H2''" sing N N 101 
DC  "C1'" N1     sing N N 102 
DC  "C1'" "H1'"  sing N N 103 
DC  N1    C2     sing N N 104 
DC  N1    C6     sing N N 105 
DC  C2    O2     doub N N 106 
DC  C2    N3     sing N N 107 
DC  N3    C4     doub N N 108 
DC  C4    N4     sing N N 109 
DC  C4    C5     sing N N 110 
DC  N4    H41    sing N N 111 
DC  N4    H42    sing N N 112 
DC  C5    C6     doub N N 113 
DC  C5    H5     sing N N 114 
DC  C6    H6     sing N N 115 
DG  OP3   P      sing N N 116 
DG  OP3   HOP3   sing N N 117 
DG  P     OP1    doub N N 118 
DG  P     OP2    sing N N 119 
DG  P     "O5'"  sing N N 120 
DG  OP2   HOP2   sing N N 121 
DG  "O5'" "C5'"  sing N N 122 
DG  "C5'" "C4'"  sing N N 123 
DG  "C5'" "H5'"  sing N N 124 
DG  "C5'" "H5''" sing N N 125 
DG  "C4'" "O4'"  sing N N 126 
DG  "C4'" "C3'"  sing N N 127 
DG  "C4'" "H4'"  sing N N 128 
DG  "O4'" "C1'"  sing N N 129 
DG  "C3'" "O3'"  sing N N 130 
DG  "C3'" "C2'"  sing N N 131 
DG  "C3'" "H3'"  sing N N 132 
DG  "O3'" "HO3'" sing N N 133 
DG  "C2'" "C1'"  sing N N 134 
DG  "C2'" "H2'"  sing N N 135 
DG  "C2'" "H2''" sing N N 136 
DG  "C1'" N9     sing N N 137 
DG  "C1'" "H1'"  sing N N 138 
DG  N9    C8     sing Y N 139 
DG  N9    C4     sing Y N 140 
DG  C8    N7     doub Y N 141 
DG  C8    H8     sing N N 142 
DG  N7    C5     sing Y N 143 
DG  C5    C6     sing N N 144 
DG  C5    C4     doub Y N 145 
DG  C6    O6     doub N N 146 
DG  C6    N1     sing N N 147 
DG  N1    C2     sing N N 148 
DG  N1    H1     sing N N 149 
DG  C2    N2     sing N N 150 
DG  C2    N3     doub N N 151 
DG  N2    H21    sing N N 152 
DG  N2    H22    sing N N 153 
DG  N3    C4     sing N N 154 
DT  OP3   P      sing N N 155 
DT  OP3   HOP3   sing N N 156 
DT  P     OP1    doub N N 157 
DT  P     OP2    sing N N 158 
DT  P     "O5'"  sing N N 159 
DT  OP2   HOP2   sing N N 160 
DT  "O5'" "C5'"  sing N N 161 
DT  "C5'" "C4'"  sing N N 162 
DT  "C5'" "H5'"  sing N N 163 
DT  "C5'" "H5''" sing N N 164 
DT  "C4'" "O4'"  sing N N 165 
DT  "C4'" "C3'"  sing N N 166 
DT  "C4'" "H4'"  sing N N 167 
DT  "O4'" "C1'"  sing N N 168 
DT  "C3'" "O3'"  sing N N 169 
DT  "C3'" "C2'"  sing N N 170 
DT  "C3'" "H3'"  sing N N 171 
DT  "O3'" "HO3'" sing N N 172 
DT  "C2'" "C1'"  sing N N 173 
DT  "C2'" "H2'"  sing N N 174 
DT  "C2'" "H2''" sing N N 175 
DT  "C1'" N1     sing N N 176 
DT  "C1'" "H1'"  sing N N 177 
DT  N1    C2     sing N N 178 
DT  N1    C6     sing N N 179 
DT  C2    O2     doub N N 180 
DT  C2    N3     sing N N 181 
DT  N3    C4     sing N N 182 
DT  N3    H3     sing N N 183 
DT  C4    O4     doub N N 184 
DT  C4    C5     sing N N 185 
DT  C5    C7     sing N N 186 
DT  C5    C6     doub N N 187 
DT  C7    H71    sing N N 188 
DT  C7    H72    sing N N 189 
DT  C7    H73    sing N N 190 
DT  C6    H6     sing N N 191 
# 
loop_
_ndb_struct_conf_na.entry_id 
_ndb_struct_conf_na.feature 
1N1N 'double helix'         
1N1N 'mismatched base pair' 
# 
loop_
_ndb_struct_na_base_pair.model_number 
_ndb_struct_na_base_pair.i_label_asym_id 
_ndb_struct_na_base_pair.i_label_comp_id 
_ndb_struct_na_base_pair.i_label_seq_id 
_ndb_struct_na_base_pair.i_symmetry 
_ndb_struct_na_base_pair.j_label_asym_id 
_ndb_struct_na_base_pair.j_label_comp_id 
_ndb_struct_na_base_pair.j_label_seq_id 
_ndb_struct_na_base_pair.j_symmetry 
_ndb_struct_na_base_pair.shear 
_ndb_struct_na_base_pair.stretch 
_ndb_struct_na_base_pair.stagger 
_ndb_struct_na_base_pair.buckle 
_ndb_struct_na_base_pair.propeller 
_ndb_struct_na_base_pair.opening 
_ndb_struct_na_base_pair.pair_number 
_ndb_struct_na_base_pair.pair_name 
_ndb_struct_na_base_pair.i_auth_asym_id 
_ndb_struct_na_base_pair.i_auth_seq_id 
_ndb_struct_na_base_pair.i_PDB_ins_code 
_ndb_struct_na_base_pair.j_auth_asym_id 
_ndb_struct_na_base_pair.j_auth_seq_id 
_ndb_struct_na_base_pair.j_PDB_ins_code 
_ndb_struct_na_base_pair.hbond_type_28 
_ndb_struct_na_base_pair.hbond_type_12 
1 A DA 1  1_555 B DT 10 1_555 0.407  -0.071 0.196  13.125  -22.068 -5.852 1  A_DA1:DT20_B  A 1  ? B 20 ? 20 1 
1 A DC 2  1_555 B DG 9  1_555 0.320  -0.091 0.126  -4.862  -8.495  -0.651 2  A_DC2:DG19_B  A 2  ? B 19 ? 19 1 
1 A DA 3  1_555 B DT 8  1_555 -0.111 -0.127 0.034  -5.514  11.759  -1.246 3  A_DA3:DT18_B  A 3  ? B 18 ? 20 1 
1 A DT 4  1_555 B DA 7  1_555 -0.079 -0.023 -0.056 11.915  10.541  -5.670 4  A_DT4:DA17_B  A 4  ? B 17 ? 20 1 
1 A DC 5  1_555 B DA 6  1_555 1.535  -0.058 -0.781 11.132  -9.417  11.035 5  A_DC5:DA16_B  A 5  ? B 16 ? ?  1 
1 A DG 6  1_555 B DC 5  1_555 -0.326 0.095  -0.406 -17.947 12.201  2.412  6  A_DG6:DC15_B  A 6  ? B 15 ? 19 1 
1 A DA 7  1_555 B DT 4  1_555 0.049  0.016  -0.063 -5.989  3.585   -2.631 7  A_DA7:DT14_B  A 7  ? B 14 ? 20 1 
1 A DT 8  1_555 B DA 3  1_555 -0.193 -0.078 0.493  -7.995  -8.693  0.404  8  A_DT8:DA13_B  A 8  ? B 13 ? 20 1 
1 A DC 9  1_555 B DG 2  1_555 0.240  -0.273 0.836  -14.942 -7.383  -3.488 9  A_DC9:DG12_B  A 9  ? B 12 ? 19 1 
1 A DT 10 1_555 B DA 1  1_555 -0.571 0.007  0.759  -18.693 -17.638 -7.171 10 A_DT10:DA11_B A 10 ? B 11 ? 20 1 
# 
loop_
_ndb_struct_na_base_pair_step.model_number 
_ndb_struct_na_base_pair_step.i_label_asym_id_1 
_ndb_struct_na_base_pair_step.i_label_comp_id_1 
_ndb_struct_na_base_pair_step.i_label_seq_id_1 
_ndb_struct_na_base_pair_step.i_symmetry_1 
_ndb_struct_na_base_pair_step.j_label_asym_id_1 
_ndb_struct_na_base_pair_step.j_label_comp_id_1 
_ndb_struct_na_base_pair_step.j_label_seq_id_1 
_ndb_struct_na_base_pair_step.j_symmetry_1 
_ndb_struct_na_base_pair_step.i_label_asym_id_2 
_ndb_struct_na_base_pair_step.i_label_comp_id_2 
_ndb_struct_na_base_pair_step.i_label_seq_id_2 
_ndb_struct_na_base_pair_step.i_symmetry_2 
_ndb_struct_na_base_pair_step.j_label_asym_id_2 
_ndb_struct_na_base_pair_step.j_label_comp_id_2 
_ndb_struct_na_base_pair_step.j_label_seq_id_2 
_ndb_struct_na_base_pair_step.j_symmetry_2 
_ndb_struct_na_base_pair_step.shift 
_ndb_struct_na_base_pair_step.slide 
_ndb_struct_na_base_pair_step.rise 
_ndb_struct_na_base_pair_step.tilt 
_ndb_struct_na_base_pair_step.roll 
_ndb_struct_na_base_pair_step.twist 
_ndb_struct_na_base_pair_step.x_displacement 
_ndb_struct_na_base_pair_step.y_displacement 
_ndb_struct_na_base_pair_step.helical_rise 
_ndb_struct_na_base_pair_step.inclination 
_ndb_struct_na_base_pair_step.tip 
_ndb_struct_na_base_pair_step.helical_twist 
_ndb_struct_na_base_pair_step.step_number 
_ndb_struct_na_base_pair_step.step_name 
_ndb_struct_na_base_pair_step.i_auth_asym_id_1 
_ndb_struct_na_base_pair_step.i_auth_seq_id_1 
_ndb_struct_na_base_pair_step.i_PDB_ins_code_1 
_ndb_struct_na_base_pair_step.j_auth_asym_id_1 
_ndb_struct_na_base_pair_step.j_auth_seq_id_1 
_ndb_struct_na_base_pair_step.j_PDB_ins_code_1 
_ndb_struct_na_base_pair_step.i_auth_asym_id_2 
_ndb_struct_na_base_pair_step.i_auth_seq_id_2 
_ndb_struct_na_base_pair_step.i_PDB_ins_code_2 
_ndb_struct_na_base_pair_step.j_auth_asym_id_2 
_ndb_struct_na_base_pair_step.j_auth_seq_id_2 
_ndb_struct_na_base_pair_step.j_PDB_ins_code_2 
1 A DA 1 1_555 B DT 10 1_555 A DC 2  1_555 B DG 9 1_555 0.299  -0.917 3.693 1.015  3.005  38.975 -1.774 -0.311 3.621 4.495   
-1.518  39.098 1 AA_DA1DC2:DG19DT20_BB  A 1 ? B 20 ? A 2  ? B 19 ? 
1 A DC 2 1_555 B DG 9  1_555 A DA 3  1_555 B DT 8 1_555 0.124  -0.482 3.402 -1.109 -8.252 38.187 0.329  -0.326 3.425 -12.434 1.671 
39.051 2 AA_DC2DA3:DT18DG19_BB  A 2 ? B 19 ? A 3  ? B 18 ? 
1 A DA 3 1_555 B DT 8  1_555 A DT 4  1_555 B DA 7 1_555 -0.365 -0.972 3.132 -0.301 -5.188 26.132 -0.769 0.715  3.264 -11.332 0.658 
26.635 3 AA_DA3DT4:DA17DT18_BB  A 3 ? B 18 ? A 4  ? B 17 ? 
1 A DT 4 1_555 B DA 7  1_555 A DC 5  1_555 B DA 6 1_555 0.701  -0.507 3.341 6.515  0.893  37.391 -0.899 -0.214 3.399 1.380   
-10.067 37.944 4 AA_DT4DC5:DA16DA17_BB  A 4 ? B 17 ? A 5  ? B 16 ? 
1 A DG 6 1_555 B DC 5  1_555 A DA 7  1_555 B DT 4 1_555 -0.163 -1.107 3.163 2.896  -4.641 31.670 -1.177 0.807  3.261 -8.425  
-5.258  32.127 5 AA_DG6DA7:DT14DC15_BB  A 6 ? B 15 ? A 7  ? B 14 ? 
1 A DA 7 1_555 B DT 4  1_555 A DT 8  1_555 B DA 3 1_555 -0.014 -0.817 3.461 -1.309 -6.609 31.716 -0.202 -0.225 3.552 -11.924 2.362 
32.406 6 AA_DA7DT8:DA13DT14_BB  A 7 ? B 14 ? A 8  ? B 13 ? 
1 A DT 8 1_555 B DA 3  1_555 A DC 9  1_555 B DG 2 1_555 -0.215 -0.574 3.394 -3.111 -5.539 40.766 -0.188 -0.047 3.446 -7.894  4.434 
41.237 7 AA_DT8DC9:DG12DA13_BB  A 8 ? B 13 ? A 9  ? B 12 ? 
1 A DC 9 1_555 B DG 2  1_555 A DT 10 1_555 B DA 1 1_555 -0.187 -1.509 3.089 4.542  2.783  32.177 -3.135 1.061  2.899 4.979   
-8.126  32.603 8 AA_DC9DT10:DA11DG12_BB A 9 ? B 12 ? A 10 ? B 11 ? 
# 
loop_
_pdbx_nmr_spectrometer.spectrometer_id 
_pdbx_nmr_spectrometer.type 
_pdbx_nmr_spectrometer.manufacturer 
_pdbx_nmr_spectrometer.model 
_pdbx_nmr_spectrometer.field_strength 
1 ? Bruker AVANCE 500 
2 ? Bruker AVANCE 600 
3 ? Bruker AVANCE 800 
# 
_atom_sites.entry_id                    1N1N 
_atom_sites.fract_transf_matrix[1][1]   1.000000 
_atom_sites.fract_transf_matrix[1][2]   0.000000 
_atom_sites.fract_transf_matrix[1][3]   0.000000 
_atom_sites.fract_transf_matrix[2][1]   0.000000 
_atom_sites.fract_transf_matrix[2][2]   1.000000 
_atom_sites.fract_transf_matrix[2][3]   0.000000 
_atom_sites.fract_transf_matrix[3][1]   0.000000 
_atom_sites.fract_transf_matrix[3][2]   0.000000 
_atom_sites.fract_transf_matrix[3][3]   1.000000 
_atom_sites.fract_transf_vector[1]      0.00000 
_atom_sites.fract_transf_vector[2]      0.00000 
_atom_sites.fract_transf_vector[3]      0.00000 
# 
loop_
_atom_type.symbol 
C 
H 
N 
O 
P 
# 
loop_
_atom_site.group_PDB 
_atom_site.id 
_atom_site.type_symbol 
_atom_site.label_atom_id 
_atom_site.label_alt_id 
_atom_site.label_comp_id 
_atom_site.label_asym_id 
_atom_site.label_entity_id 
_atom_site.label_seq_id 
_atom_site.pdbx_PDB_ins_code 
_atom_site.Cartn_x 
_atom_site.Cartn_y 
_atom_site.Cartn_z 
_atom_site.occupancy 
_atom_site.B_iso_or_equiv 
_atom_site.pdbx_formal_charge 
_atom_site.auth_seq_id 
_atom_site.auth_comp_id 
_atom_site.auth_asym_id 
_atom_site.auth_atom_id 
_atom_site.pdbx_PDB_model_num 
ATOM   1   O "O5'"  . DA  A 1 1  ? 15.896  -2.172  -15.794 1.00 0.00 ? 1  DA  A "O5'"  1 
ATOM   2   C "C5'"  . DA  A 1 1  ? 15.258  -2.484  -14.571 1.00 0.00 ? 1  DA  A "C5'"  1 
ATOM   3   C "C4'"  . DA  A 1 1  ? 15.500  -1.391  -13.525 1.00 0.00 ? 1  DA  A "C4'"  1 
ATOM   4   O "O4'"  . DA  A 1 1  ? 14.709  -0.242  -13.820 1.00 0.00 ? 1  DA  A "O4'"  1 
ATOM   5   C "C3'"  . DA  A 1 1  ? 15.055  -1.905  -12.151 1.00 0.00 ? 1  DA  A "C3'"  1 
ATOM   6   O "O3'"  . DA  A 1 1  ? 16.017  -1.552  -11.179 1.00 0.00 ? 1  DA  A "O3'"  1 
ATOM   7   C "C2'"  . DA  A 1 1  ? 13.737  -1.180  -11.939 1.00 0.00 ? 1  DA  A "C2'"  1 
ATOM   8   C "C1'"  . DA  A 1 1  ? 14.024  0.139   -12.643 1.00 0.00 ? 1  DA  A "C1'"  1 
ATOM   9   N N9     . DA  A 1 1  ? 12.781  0.872   -12.956 1.00 0.00 ? 1  DA  A N9     1 
ATOM   10  C C8     . DA  A 1 1  ? 11.618  0.399   -13.516 1.00 0.00 ? 1  DA  A C8     1 
ATOM   11  N N7     . DA  A 1 1  ? 10.673  1.290   -13.632 1.00 0.00 ? 1  DA  A N7     1 
ATOM   12  C C5     . DA  A 1 1  ? 11.261  2.443   -13.098 1.00 0.00 ? 1  DA  A C5     1 
ATOM   13  C C6     . DA  A 1 1  ? 10.836  3.777   -12.919 1.00 0.00 ? 1  DA  A C6     1 
ATOM   14  N N6     . DA  A 1 1  ? 9.667   4.238   -13.327 1.00 0.00 ? 1  DA  A N6     1 
ATOM   15  N N1     . DA  A 1 1  ? 11.639  4.679   -12.340 1.00 0.00 ? 1  DA  A N1     1 
ATOM   16  C C2     . DA  A 1 1  ? 12.846  4.283   -11.951 1.00 0.00 ? 1  DA  A C2     1 
ATOM   17  N N3     . DA  A 1 1  ? 13.388  3.077   -12.078 1.00 0.00 ? 1  DA  A N3     1 
ATOM   18  C C4     . DA  A 1 1  ? 12.537  2.194   -12.669 1.00 0.00 ? 1  DA  A C4     1 
ATOM   19  H "H5'"  . DA  A 1 1  ? 15.656  -3.429  -14.195 1.00 0.00 ? 1  DA  A "H5'"  1 
ATOM   20  H "H5''" . DA  A 1 1  ? 14.183  -2.586  -14.723 1.00 0.00 ? 1  DA  A "H5''" 1 
ATOM   21  H "H4'"  . DA  A 1 1  ? 16.562  -1.137  -13.491 1.00 0.00 ? 1  DA  A "H4'"  1 
ATOM   22  H "H3'"  . DA  A 1 1  ? 14.906  -2.985  -12.149 1.00 0.00 ? 1  DA  A "H3'"  1 
ATOM   23  H "H2'"  . DA  A 1 1  ? 12.945  -1.729  -12.445 1.00 0.00 ? 1  DA  A "H2'"  1 
ATOM   24  H "H2''" . DA  A 1 1  ? 13.505  -1.043  -10.887 1.00 0.00 ? 1  DA  A "H2''" 1 
ATOM   25  H "H1'"  . DA  A 1 1  ? 14.679  0.756   -12.018 1.00 0.00 ? 1  DA  A "H1'"  1 
ATOM   26  H H8     . DA  A 1 1  ? 11.496  -0.626  -13.837 1.00 0.00 ? 1  DA  A H8     1 
ATOM   27  H H61    . DA  A 1 1  ? 9.464   5.228   -13.186 1.00 0.00 ? 1  DA  A H61    1 
ATOM   28  H H62    . DA  A 1 1  ? 9.036   3.618   -13.806 1.00 0.00 ? 1  DA  A H62    1 
ATOM   29  H H2     . DA  A 1 1  ? 13.470  5.037   -11.494 1.00 0.00 ? 1  DA  A H2     1 
ATOM   30  H "HO5'" . DA  A 1 1  ? 15.485  -2.674  -16.503 1.00 0.00 ? 1  DA  A "HO5'" 1 
ATOM   31  P P      . DC  A 1 2  ? 15.988  -2.179  -9.693  1.00 0.00 ? 2  DC  A P      1 
ATOM   32  O OP1    . DC  A 1 2  ? 17.382  -2.480  -9.305  1.00 0.00 ? 2  DC  A OP1    1 
ATOM   33  O OP2    . DC  A 1 2  ? 14.953  -3.234  -9.650  1.00 0.00 ? 2  DC  A OP2    1 
ATOM   34  O "O5'"  . DC  A 1 2  ? 15.465  -0.920  -8.831  1.00 0.00 ? 2  DC  A "O5'"  1 
ATOM   35  C "C5'"  . DC  A 1 2  ? 16.256  0.253   -8.763  1.00 0.00 ? 2  DC  A "C5'"  1 
ATOM   36  C "C4'"  . DC  A 1 2  ? 15.716  1.347   -7.833  1.00 0.00 ? 2  DC  A "C4'"  1 
ATOM   37  O "O4'"  . DC  A 1 2  ? 14.660  2.028   -8.499  1.00 0.00 ? 2  DC  A "O4'"  1 
ATOM   38  C "C3'"  . DC  A 1 2  ? 15.200  0.918   -6.452  1.00 0.00 ? 2  DC  A "C3'"  1 
ATOM   39  O "O3'"  . DC  A 1 2  ? 15.640  1.925   -5.550  1.00 0.00 ? 2  DC  A "O3'"  1 
ATOM   40  C "C2'"  . DC  A 1 2  ? 13.691  0.931   -6.667  1.00 0.00 ? 2  DC  A "C2'"  1 
ATOM   41  C "C1'"  . DC  A 1 2  ? 13.530  2.101   -7.652  1.00 0.00 ? 2  DC  A "C1'"  1 
ATOM   42  N N1     . DC  A 1 2  ? 12.310  2.023   -8.506  1.00 0.00 ? 2  DC  A N1     1 
ATOM   43  C C2     . DC  A 1 2  ? 11.430  3.116   -8.598  1.00 0.00 ? 2  DC  A C2     1 
ATOM   44  O O2     . DC  A 1 2  ? 11.641  4.185   -8.025  1.00 0.00 ? 2  DC  A O2     1 
ATOM   45  N N3     . DC  A 1 2  ? 10.285  3.010   -9.326  1.00 0.00 ? 2  DC  A N3     1 
ATOM   46  C C4     . DC  A 1 2  ? 10.024  1.869   -9.945  1.00 0.00 ? 2  DC  A C4     1 
ATOM   47  N N4     . DC  A 1 2  ? 8.869   1.789   -10.556 1.00 0.00 ? 2  DC  A N4     1 
ATOM   48  C C5     . DC  A 1 2  ? 10.921  0.758   -9.949  1.00 0.00 ? 2  DC  A C5     1 
ATOM   49  C C6     . DC  A 1 2  ? 12.061  0.880   -9.224  1.00 0.00 ? 2  DC  A C6     1 
ATOM   50  H "H5'"  . DC  A 1 2  ? 16.328  0.676   -9.766  1.00 0.00 ? 2  DC  A "H5'"  1 
ATOM   51  H "H5''" . DC  A 1 2  ? 17.263  -0.019  -8.441  1.00 0.00 ? 2  DC  A "H5''" 1 
ATOM   52  H "H4'"  . DC  A 1 2  ? 16.534  2.051   -7.672  1.00 0.00 ? 2  DC  A "H4'"  1 
ATOM   53  H "H3'"  . DC  A 1 2  ? 15.563  -0.071  -6.157  1.00 0.00 ? 2  DC  A "H3'"  1 
ATOM   54  H "H2'"  . DC  A 1 2  ? 13.395  -0.022  -7.104  1.00 0.00 ? 2  DC  A "H2'"  1 
ATOM   55  H "H2''" . DC  A 1 2  ? 13.145  1.088   -5.739  1.00 0.00 ? 2  DC  A "H2''" 1 
ATOM   56  H "H1'"  . DC  A 1 2  ? 13.558  3.039   -7.089  1.00 0.00 ? 2  DC  A "H1'"  1 
ATOM   57  H H41    . DC  A 1 2  ? 8.297   2.637   -10.579 1.00 0.00 ? 2  DC  A H41    1 
ATOM   58  H H42    . DC  A 1 2  ? 8.592   0.930   -10.992 1.00 0.00 ? 2  DC  A H42    1 
ATOM   59  H H5     . DC  A 1 2  ? 10.731  -0.151  -10.497 1.00 0.00 ? 2  DC  A H5     1 
ATOM   60  H H6     . DC  A 1 2  ? 12.794  0.082   -9.188  1.00 0.00 ? 2  DC  A H6     1 
ATOM   61  P P      . DA  A 1 3  ? 15.304  1.955   -3.972  1.00 0.00 ? 3  DA  A P      1 
ATOM   62  O OP1    . DA  A 1 3  ? 16.504  2.471   -3.280  1.00 0.00 ? 3  DA  A OP1    1 
ATOM   63  O OP2    . DA  A 1 3  ? 14.718  0.658   -3.575  1.00 0.00 ? 3  DA  A OP2    1 
ATOM   64  O "O5'"  . DA  A 1 3  ? 14.150  3.086   -3.904  1.00 0.00 ? 3  DA  A "O5'"  1 
ATOM   65  C "C5'"  . DA  A 1 3  ? 14.458  4.429   -4.250  1.00 0.00 ? 3  DA  A "C5'"  1 
ATOM   66  C "C4'"  . DA  A 1 3  ? 13.353  5.450   -3.937  1.00 0.00 ? 3  DA  A "C4'"  1 
ATOM   67  O "O4'"  . DA  A 1 3  ? 12.291  5.291   -4.865  1.00 0.00 ? 3  DA  A "O4'"  1 
ATOM   68  C "C3'"  . DA  A 1 3  ? 12.760  5.385   -2.524  1.00 0.00 ? 3  DA  A "C3'"  1 
ATOM   69  O "O3'"  . DA  A 1 3  ? 12.513  6.720   -2.094  1.00 0.00 ? 3  DA  A "O3'"  1 
ATOM   70  C "C2'"  . DA  A 1 3  ? 11.467  4.618   -2.762  1.00 0.00 ? 3  DA  A "C2'"  1 
ATOM   71  C "C1'"  . DA  A 1 3  ? 11.079  5.075   -4.167  1.00 0.00 ? 3  DA  A "C1'"  1 
ATOM   72  N N9     . DA  A 1 3  ? 10.307  4.053   -4.904  1.00 0.00 ? 3  DA  A N9     1 
ATOM   73  C C8     . DA  A 1 3  ? 10.686  2.770   -5.212  1.00 0.00 ? 3  DA  A C8     1 
ATOM   74  N N7     . DA  A 1 3  ? 9.832   2.120   -5.958  1.00 0.00 ? 3  DA  A N7     1 
ATOM   75  C C5     . DA  A 1 3  ? 8.805   3.053   -6.145  1.00 0.00 ? 3  DA  A C5     1 
ATOM   76  C C6     . DA  A 1 3  ? 7.572   3.043   -6.838  1.00 0.00 ? 3  DA  A C6     1 
ATOM   77  N N6     . DA  A 1 3  ? 7.122   2.012   -7.535  1.00 0.00 ? 3  DA  A N6     1 
ATOM   78  N N1     . DA  A 1 3  ? 6.761   4.105   -6.796  1.00 0.00 ? 3  DA  A N1     1 
ATOM   79  C C2     . DA  A 1 3  ? 7.139   5.163   -6.083  1.00 0.00 ? 3  DA  A C2     1 
ATOM   80  N N3     . DA  A 1 3  ? 8.262   5.310   -5.384  1.00 0.00 ? 3  DA  A N3     1 
ATOM   81  C C4     . DA  A 1 3  ? 9.069   4.218   -5.474  1.00 0.00 ? 3  DA  A C4     1 
ATOM   82  H "H5'"  . DA  A 1 3  ? 14.670  4.467   -5.319  1.00 0.00 ? 3  DA  A "H5'"  1 
ATOM   83  H "H5''" . DA  A 1 3  ? 15.362  4.731   -3.718  1.00 0.00 ? 3  DA  A "H5''" 1 
ATOM   84  H "H4'"  . DA  A 1 3  ? 13.785  6.441   -4.070  1.00 0.00 ? 3  DA  A "H4'"  1 
ATOM   85  H "H3'"  . DA  A 1 3  ? 13.421  4.858   -1.832  1.00 0.00 ? 3  DA  A "H3'"  1 
ATOM   86  H "H2'"  . DA  A 1 3  ? 11.680  3.550   -2.744  1.00 0.00 ? 3  DA  A "H2'"  1 
ATOM   87  H "H2''" . DA  A 1 3  ? 10.706  4.876   -2.029  1.00 0.00 ? 3  DA  A "H2''" 1 
ATOM   88  H "H1'"  . DA  A 1 3  ? 10.518  6.013   -4.109  1.00 0.00 ? 3  DA  A "H1'"  1 
ATOM   89  H H8     . DA  A 1 3  ? 11.619  2.355   -4.857  1.00 0.00 ? 3  DA  A H8     1 
ATOM   90  H H61    . DA  A 1 3  ? 6.211   2.054   -7.993  1.00 0.00 ? 3  DA  A H61    1 
ATOM   91  H H62    . DA  A 1 3  ? 7.698   1.190   -7.573  1.00 0.00 ? 3  DA  A H62    1 
ATOM   92  H H2     . DA  A 1 3  ? 6.445   5.991   -6.045  1.00 0.00 ? 3  DA  A H2     1 
ATOM   93  P P      . DT  A 1 4  ? 12.159  7.111   -0.565  1.00 0.00 ? 4  DT  A P      1 
ATOM   94  O OP1    . DT  A 1 4  ? 12.755  8.437   -0.299  1.00 0.00 ? 4  DT  A OP1    1 
ATOM   95  O OP2    . DT  A 1 4  ? 12.496  5.962   0.302   1.00 0.00 ? 4  DT  A OP2    1 
ATOM   96  O "O5'"  . DT  A 1 4  ? 10.547  7.273   -0.578  1.00 0.00 ? 4  DT  A "O5'"  1 
ATOM   97  C "C5'"  . DT  A 1 4  ? 9.931   8.458   -1.072  1.00 0.00 ? 4  DT  A "C5'"  1 
ATOM   98  C "C4'"  . DT  A 1 4  ? 8.392   8.405   -1.134  1.00 0.00 ? 4  DT  A "C4'"  1 
ATOM   99  O "O4'"  . DT  A 1 4  ? 8.025   7.427   -2.106  1.00 0.00 ? 4  DT  A "O4'"  1 
ATOM   100 C "C3'"  . DT  A 1 4  ? 7.680   8.009   0.177   1.00 0.00 ? 4  DT  A "C3'"  1 
ATOM   101 O "O3'"  . DT  A 1 4  ? 6.368   8.549   0.274   1.00 0.00 ? 4  DT  A "O3'"  1 
ATOM   102 C "C2'"  . DT  A 1 4  ? 7.492   6.521   -0.042  1.00 0.00 ? 4  DT  A "C2'"  1 
ATOM   103 C "C1'"  . DT  A 1 4  ? 7.055   6.590   -1.509  1.00 0.00 ? 4  DT  A "C1'"  1 
ATOM   104 N N1     . DT  A 1 4  ? 6.914   5.293   -2.216  1.00 0.00 ? 4  DT  A N1     1 
ATOM   105 C C2     . DT  A 1 4  ? 5.820   5.154   -3.077  1.00 0.00 ? 4  DT  A C2     1 
ATOM   106 O O2     . DT  A 1 4  ? 5.028   6.055   -3.330  1.00 0.00 ? 4  DT  A O2     1 
ATOM   107 N N3     . DT  A 1 4  ? 5.622   3.915   -3.640  1.00 0.00 ? 4  DT  A N3     1 
ATOM   108 C C4     . DT  A 1 4  ? 6.441   2.820   -3.471  1.00 0.00 ? 4  DT  A C4     1 
ATOM   109 O O4     . DT  A 1 4  ? 6.144   1.773   -4.038  1.00 0.00 ? 4  DT  A O4     1 
ATOM   110 C C5     . DT  A 1 4  ? 7.597   3.042   -2.605  1.00 0.00 ? 4  DT  A C5     1 
ATOM   111 C C7     . DT  A 1 4  ? 8.611   1.938   -2.362  1.00 0.00 ? 4  DT  A C7     1 
ATOM   112 C C6     . DT  A 1 4  ? 7.788   4.247   -2.002  1.00 0.00 ? 4  DT  A C6     1 
ATOM   113 H "H5'"  . DT  A 1 4  ? 10.302  8.640   -2.081  1.00 0.00 ? 4  DT  A "H5'"  1 
ATOM   114 H "H5''" . DT  A 1 4  ? 10.230  9.300   -0.444  1.00 0.00 ? 4  DT  A "H5''" 1 
ATOM   115 H "H4'"  . DT  A 1 4  ? 8.023   9.384   -1.445  1.00 0.00 ? 4  DT  A "H4'"  1 
ATOM   116 H "H3'"  . DT  A 1 4  ? 8.270   8.225   1.070   1.00 0.00 ? 4  DT  A "H3'"  1 
ATOM   117 H "H2'"  . DT  A 1 4  ? 8.440   6.003   0.089   1.00 0.00 ? 4  DT  A "H2'"  1 
ATOM   118 H "H2''" . DT  A 1 4  ? 6.734   6.115   0.620   1.00 0.00 ? 4  DT  A "H2''" 1 
ATOM   119 H "H1'"  . DT  A 1 4  ? 6.091   7.111   -1.550  1.00 0.00 ? 4  DT  A "H1'"  1 
ATOM   120 H H3     . DT  A 1 4  ? 4.803   3.826   -4.237  1.00 0.00 ? 4  DT  A H3     1 
ATOM   121 H H71    . DT  A 1 4  ? 8.653   1.697   -1.300  1.00 0.00 ? 4  DT  A H71    1 
ATOM   122 H H72    . DT  A 1 4  ? 9.596   2.263   -2.693  1.00 0.00 ? 4  DT  A H72    1 
ATOM   123 H H73    . DT  A 1 4  ? 8.340   1.043   -2.922  1.00 0.00 ? 4  DT  A H73    1 
ATOM   124 H H6     . DT  A 1 4  ? 8.645   4.396   -1.364  1.00 0.00 ? 4  DT  A H6     1 
ATOM   125 P P      . DC  A 1 5  ? 6.092   9.987   0.922   1.00 0.00 ? 5  DC  A P      1 
ATOM   126 O OP1    . DC  A 1 5  ? 6.488   11.017  -0.063  1.00 0.00 ? 5  DC  A OP1    1 
ATOM   127 O OP2    . DC  A 1 5  ? 6.705   9.969   2.266   1.00 0.00 ? 5  DC  A OP2    1 
ATOM   128 O "O5'"  . DC  A 1 5  ? 4.491   10.012  1.103   1.00 0.00 ? 5  DC  A "O5'"  1 
ATOM   129 C "C5'"  . DC  A 1 5  ? 3.595   10.233  0.021   1.00 0.00 ? 5  DC  A "C5'"  1 
ATOM   130 C "C4'"  . DC  A 1 5  ? 2.693   9.023   -0.258  1.00 0.00 ? 5  DC  A "C4'"  1 
ATOM   131 O "O4'"  . DC  A 1 5  ? 3.368   7.888   -0.775  1.00 0.00 ? 5  DC  A "O4'"  1 
ATOM   132 C "C3'"  . DC  A 1 5  ? 1.988   8.548   1.007   1.00 0.00 ? 5  DC  A "C3'"  1 
ATOM   133 O "O3'"  . DC  A 1 5  ? 0.738   9.199   1.167   1.00 0.00 ? 5  DC  A "O3'"  1 
ATOM   134 C "C2'"  . DC  A 1 5  ? 1.834   7.058   0.753   1.00 0.00 ? 5  DC  A "C2'"  1 
ATOM   135 C "C1'"  . DC  A 1 5  ? 2.477   6.801   -0.618  1.00 0.00 ? 5  DC  A "C1'"  1 
ATOM   136 N N1     . DC  A 1 5  ? 3.192   5.495   -0.686  1.00 0.00 ? 5  DC  A N1     1 
ATOM   137 C C2     . DC  A 1 5  ? 2.743   4.490   -1.555  1.00 0.00 ? 5  DC  A C2     1 
ATOM   138 O O2     . DC  A 1 5  ? 1.831   4.728   -2.342  1.00 0.00 ? 5  DC  A O2     1 
ATOM   139 N N3     . DC  A 1 5  ? 3.303   3.241   -1.496  1.00 0.00 ? 5  DC  A N3     1 
ATOM   140 C C4     . DC  A 1 5  ? 4.292   3.025   -0.645  1.00 0.00 ? 5  DC  A C4     1 
ATOM   141 N N4     . DC  A 1 5  ? 4.755   1.799   -0.571  1.00 0.00 ? 5  DC  A N4     1 
ATOM   142 C C5     . DC  A 1 5  ? 4.818   4.031   0.216   1.00 0.00 ? 5  DC  A C5     1 
ATOM   143 C C6     . DC  A 1 5  ? 4.241   5.257   0.161   1.00 0.00 ? 5  DC  A C6     1 
ATOM   144 H "H5'"  . DC  A 1 5  ? 4.131   10.506  -0.887  1.00 0.00 ? 5  DC  A "H5'"  1 
ATOM   145 H "H5''" . DC  A 1 5  ? 2.942   11.061  0.302   1.00 0.00 ? 5  DC  A "H5''" 1 
ATOM   146 H "H4'"  . DC  A 1 5  ? 1.927   9.319   -0.973  1.00 0.00 ? 5  DC  A "H4'"  1 
ATOM   147 H "H3'"  . DC  A 1 5  ? 2.638   8.697   1.873   1.00 0.00 ? 5  DC  A "H3'"  1 
ATOM   148 H "H2'"  . DC  A 1 5  ? 2.367   6.544   1.550   1.00 0.00 ? 5  DC  A "H2'"  1 
ATOM   149 H "H2''" . DC  A 1 5  ? 0.788   6.773   0.742   1.00 0.00 ? 5  DC  A "H2''" 1 
ATOM   150 H "H1'"  . DC  A 1 5  ? 1.705   6.849   -1.392  1.00 0.00 ? 5  DC  A "H1'"  1 
ATOM   151 H H41    . DC  A 1 5  ? 4.363   1.130   -1.205  1.00 0.00 ? 5  DC  A H41    1 
ATOM   152 H H42    . DC  A 1 5  ? 5.422   1.555   0.138   1.00 0.00 ? 5  DC  A H42    1 
ATOM   153 H H5     . DC  A 1 5  ? 5.638   3.849   0.892   1.00 0.00 ? 5  DC  A H5     1 
ATOM   154 H H6     . DC  A 1 5  ? 4.575   6.081   0.782   1.00 0.00 ? 5  DC  A H6     1 
ATOM   155 P P      . DG  A 1 6  ? 0.176   9.592   2.632   1.00 0.00 ? 6  DG  A P      1 
ATOM   156 O OP1    . DG  A 1 6  ? 0.030   11.061  2.680   1.00 0.00 ? 6  DG  A OP1    1 
ATOM   157 O OP2    . DG  A 1 6  ? 0.979   8.885   3.654   1.00 0.00 ? 6  DG  A OP2    1 
ATOM   158 O "O5'"  . DG  A 1 6  ? -1.296  8.942   2.655   1.00 0.00 ? 6  DG  A "O5'"  1 
ATOM   159 C "C5'"  . DG  A 1 6  ? -1.481  7.565   2.407   1.00 0.00 ? 6  DG  A "C5'"  1 
ATOM   160 C "C4'"  . DG  A 1 6  ? -2.872  7.084   2.835   1.00 0.00 ? 6  DG  A "C4'"  1 
ATOM   161 O "O4'"  . DG  A 1 6  ? -2.966  5.701   2.495   1.00 0.00 ? 6  DG  A "O4'"  1 
ATOM   162 C "C3'"  . DG  A 1 6  ? -3.185  7.207   4.335   1.00 0.00 ? 6  DG  A "C3'"  1 
ATOM   163 O "O3'"  . DG  A 1 6  ? -4.578  7.492   4.425   1.00 0.00 ? 6  DG  A "O3'"  1 
ATOM   164 C "C2'"  . DG  A 1 6  ? -2.743  5.829   4.827   1.00 0.00 ? 6  DG  A "C2'"  1 
ATOM   165 C "C1'"  . DG  A 1 6  ? -3.123  4.916   3.662   1.00 0.00 ? 6  DG  A "C1'"  1 
ATOM   166 N N9     . DG  A 1 6  ? -2.273  3.694   3.592   1.00 0.00 ? 6  DG  A N9     1 
ATOM   167 C C8     . DG  A 1 6  ? -0.934  3.580   3.866   1.00 0.00 ? 6  DG  A C8     1 
ATOM   168 N N7     . DG  A 1 6  ? -0.444  2.368   3.792   1.00 0.00 ? 6  DG  A N7     1 
ATOM   169 C C5     . DG  A 1 6  ? -1.569  1.599   3.465   1.00 0.00 ? 6  DG  A C5     1 
ATOM   170 C C6     . DG  A 1 6  ? -1.723  0.178   3.313   1.00 0.00 ? 6  DG  A C6     1 
ATOM   171 O O6     . DG  A 1 6  ? -0.958  -0.721  3.655   1.00 0.00 ? 6  DG  A O6     1 
ATOM   172 N N1     . DG  A 1 6  ? -2.919  -0.174  2.692   1.00 0.00 ? 6  DG  A N1     1 
ATOM   173 C C2     . DG  A 1 6  ? -3.930  0.725   2.395   1.00 0.00 ? 6  DG  A C2     1 
ATOM   174 N N2     . DG  A 1 6  ? -5.016  0.207   1.801   1.00 0.00 ? 6  DG  A N2     1 
ATOM   175 N N3     . DG  A 1 6  ? -3.857  2.039   2.694   1.00 0.00 ? 6  DG  A N3     1 
ATOM   176 C C4     . DG  A 1 6  ? -2.652  2.422   3.211   1.00 0.00 ? 6  DG  A C4     1 
ATOM   177 H "H5'"  . DG  A 1 6  ? -0.714  6.982   2.918   1.00 0.00 ? 6  DG  A "H5'"  1 
ATOM   178 H "H5''" . DG  A 1 6  ? -1.384  7.417   1.333   1.00 0.00 ? 6  DG  A "H5''" 1 
ATOM   179 H "H4'"  . DG  A 1 6  ? -3.608  7.660   2.273   1.00 0.00 ? 6  DG  A "H4'"  1 
ATOM   180 H "H3'"  . DG  A 1 6  ? -2.603  8.002   4.809   1.00 0.00 ? 6  DG  A "H3'"  1 
ATOM   181 H "H2'"  . DG  A 1 6  ? -1.668  5.868   4.986   1.00 0.00 ? 6  DG  A "H2'"  1 
ATOM   182 H "H2''" . DG  A 1 6  ? -3.228  5.516   5.748   1.00 0.00 ? 6  DG  A "H2''" 1 
ATOM   183 H "H1'"  . DG  A 1 6  ? -4.181  4.651   3.766   1.00 0.00 ? 6  DG  A "H1'"  1 
ATOM   184 H H8     . DG  A 1 6  ? -0.310  4.435   4.082   1.00 0.00 ? 6  DG  A H8     1 
ATOM   185 H H1     . DG  A 1 6  ? -3.051  -1.152  2.455   1.00 0.00 ? 6  DG  A H1     1 
ATOM   186 H H21    . DG  A 1 6  ? -5.074  -0.795  1.580   1.00 0.00 ? 6  DG  A H21    1 
ATOM   187 H H22    . DG  A 1 6  ? -5.825  0.778   1.602   1.00 0.00 ? 6  DG  A H22    1 
ATOM   188 P P      . DA  A 1 7  ? -5.525  7.216   5.708   1.00 0.00 ? 7  DA  A P      1 
ATOM   189 O OP1    . DA  A 1 7  ? -6.617  8.212   5.694   1.00 0.00 ? 7  DA  A OP1    1 
ATOM   190 O OP2    . DA  A 1 7  ? -4.699  7.036   6.921   1.00 0.00 ? 7  DA  A OP2    1 
ATOM   191 O "O5'"  . DA  A 1 7  ? -6.143  5.786   5.265   1.00 0.00 ? 7  DA  A "O5'"  1 
ATOM   192 C "C5'"  . DA  A 1 7  ? -6.873  5.698   4.049   1.00 0.00 ? 7  DA  A "C5'"  1 
ATOM   193 C "C4'"  . DA  A 1 7  ? -7.474  4.319   3.745   1.00 0.00 ? 7  DA  A "C4'"  1 
ATOM   194 O "O4'"  . DA  A 1 7  ? -6.509  3.275   3.805   1.00 0.00 ? 7  DA  A "O4'"  1 
ATOM   195 C "C3'"  . DA  A 1 7  ? -8.648  3.944   4.652   1.00 0.00 ? 7  DA  A "C3'"  1 
ATOM   196 O "O3'"  . DA  A 1 7  ? -9.760  3.696   3.808   1.00 0.00 ? 7  DA  A "O3'"  1 
ATOM   197 C "C2'"  . DA  A 1 7  ? -8.145  2.688   5.355   1.00 0.00 ? 7  DA  A "C2'"  1 
ATOM   198 C "C1'"  . DA  A 1 7  ? -7.112  2.127   4.382   1.00 0.00 ? 7  DA  A "C1'"  1 
ATOM   199 N N9     . DA  A 1 7  ? -6.054  1.343   5.064   1.00 0.00 ? 7  DA  A N9     1 
ATOM   200 C C8     . DA  A 1 7  ? -5.040  1.839   5.846   1.00 0.00 ? 7  DA  A C8     1 
ATOM   201 N N7     . DA  A 1 7  ? -4.141  0.956   6.190   1.00 0.00 ? 7  DA  A N7     1 
ATOM   202 C C5     . DA  A 1 7  ? -4.615  -0.229  5.613   1.00 0.00 ? 7  DA  A C5     1 
ATOM   203 C C6     . DA  A 1 7  ? -4.137  -1.563  5.547   1.00 0.00 ? 7  DA  A C6     1 
ATOM   204 N N6     . DA  A 1 7  ? -3.005  -1.992  6.084   1.00 0.00 ? 7  DA  A N6     1 
ATOM   205 N N1     . DA  A 1 7  ? -4.809  -2.498  4.870   1.00 0.00 ? 7  DA  A N1     1 
ATOM   206 C C2     . DA  A 1 7  ? -5.938  -2.140  4.265   1.00 0.00 ? 7  DA  A C2     1 
ATOM   207 N N3     . DA  A 1 7  ? -6.507  -0.934  4.246   1.00 0.00 ? 7  DA  A N3     1 
ATOM   208 C C4     . DA  A 1 7  ? -5.791  -0.008  4.942   1.00 0.00 ? 7  DA  A C4     1 
ATOM   209 H "H5'"  . DA  A 1 7  ? -6.212  5.967   3.226   1.00 0.00 ? 7  DA  A "H5'"  1 
ATOM   210 H "H5''" . DA  A 1 7  ? -7.687  6.426   4.076   1.00 0.00 ? 7  DA  A "H5''" 1 
ATOM   211 H "H4'"  . DA  A 1 7  ? -7.857  4.362   2.725   1.00 0.00 ? 7  DA  A "H4'"  1 
ATOM   212 H "H3'"  . DA  A 1 7  ? -8.876  4.735   5.372   1.00 0.00 ? 7  DA  A "H3'"  1 
ATOM   213 H "H2'"  . DA  A 1 7  ? -7.679  2.973   6.298   1.00 0.00 ? 7  DA  A "H2'"  1 
ATOM   214 H "H2''" . DA  A 1 7  ? -8.949  1.983   5.530   1.00 0.00 ? 7  DA  A "H2''" 1 
ATOM   215 H "H1'"  . DA  A 1 7  ? -7.614  1.529   3.617   1.00 0.00 ? 7  DA  A "H1'"  1 
ATOM   216 H H8     . DA  A 1 7  ? -4.994  2.888   6.115   1.00 0.00 ? 7  DA  A H8     1 
ATOM   217 H H61    . DA  A 1 7  ? -2.789  -2.989  6.029   1.00 0.00 ? 7  DA  A H61    1 
ATOM   218 H H62    . DA  A 1 7  ? -2.454  -1.361  6.638   1.00 0.00 ? 7  DA  A H62    1 
ATOM   219 H H2     . DA  A 1 7  ? -6.458  -2.921  3.729   1.00 0.00 ? 7  DA  A H2     1 
ATOM   220 P P      . DT  A 1 8  ? -11.230 3.346   4.371   1.00 0.00 ? 8  DT  A P      1 
ATOM   221 O OP1    . DT  A 1 8  ? -12.225 3.787   3.371   1.00 0.00 ? 8  DT  A OP1    1 
ATOM   222 O OP2    . DT  A 1 8  ? -11.324 3.791   5.777   1.00 0.00 ? 8  DT  A OP2    1 
ATOM   223 O "O5'"  . DT  A 1 8  ? -11.167 1.739   4.362   1.00 0.00 ? 8  DT  A "O5'"  1 
ATOM   224 C "C5'"  . DT  A 1 8  ? -10.966 1.029   3.152   1.00 0.00 ? 8  DT  A "C5'"  1 
ATOM   225 C "C4'"  . DT  A 1 8  ? -11.113 -0.485  3.333   1.00 0.00 ? 8  DT  A "C4'"  1 
ATOM   226 O "O4'"  . DT  A 1 8  ? -9.903  -1.004  3.878   1.00 0.00 ? 8  DT  A "O4'"  1 
ATOM   227 C "C3'"  . DT  A 1 8  ? -12.271 -0.906  4.250   1.00 0.00 ? 8  DT  A "C3'"  1 
ATOM   228 O "O3'"  . DT  A 1 8  ? -12.990 -1.941  3.608   1.00 0.00 ? 8  DT  A "O3'"  1 
ATOM   229 C "C2'"  . DT  A 1 8  ? -11.531 -1.380  5.495   1.00 0.00 ? 8  DT  A "C2'"  1 
ATOM   230 C "C1'"  . DT  A 1 8  ? -10.210 -1.906  4.925   1.00 0.00 ? 8  DT  A "C1'"  1 
ATOM   231 N N1     . DT  A 1 8  ? -9.116  -1.918  5.935   1.00 0.00 ? 8  DT  A N1     1 
ATOM   232 C C2     . DT  A 1 8  ? -8.384  -3.092  6.145   1.00 0.00 ? 8  DT  A C2     1 
ATOM   233 O O2     . DT  A 1 8  ? -8.515  -4.111  5.474   1.00 0.00 ? 8  DT  A O2     1 
ATOM   234 N N3     . DT  A 1 8  ? -7.472  -3.074  7.177   1.00 0.00 ? 8  DT  A N3     1 
ATOM   235 C C4     . DT  A 1 8  ? -7.143  -1.986  7.958   1.00 0.00 ? 8  DT  A C4     1 
ATOM   236 O O4     . DT  A 1 8  ? -6.261  -2.114  8.800   1.00 0.00 ? 8  DT  A O4     1 
ATOM   237 C C5     . DT  A 1 8  ? -7.893  -0.769  7.637   1.00 0.00 ? 8  DT  A C5     1 
ATOM   238 C C7     . DT  A 1 8  ? -7.619  0.540   8.359   1.00 0.00 ? 8  DT  A C7     1 
ATOM   239 C C6     . DT  A 1 8  ? -8.830  -0.779  6.660   1.00 0.00 ? 8  DT  A C6     1 
ATOM   240 H "H5'"  . DT  A 1 8  ? -9.962  1.238   2.779   1.00 0.00 ? 8  DT  A "H5'"  1 
ATOM   241 H "H5''" . DT  A 1 8  ? -11.688 1.371   2.409   1.00 0.00 ? 8  DT  A "H5''" 1 
ATOM   242 H "H4'"  . DT  A 1 8  ? -11.279 -0.926  2.349   1.00 0.00 ? 8  DT  A "H4'"  1 
ATOM   243 H "H3'"  . DT  A 1 8  ? -12.937 -0.073  4.484   1.00 0.00 ? 8  DT  A "H3'"  1 
ATOM   244 H "H2'"  . DT  A 1 8  ? -11.384 -0.518  6.141   1.00 0.00 ? 8  DT  A "H2'"  1 
ATOM   245 H "H2''" . DT  A 1 8  ? -12.076 -2.142  6.042   1.00 0.00 ? 8  DT  A "H2''" 1 
ATOM   246 H "H1'"  . DT  A 1 8  ? -10.365 -2.906  4.507   1.00 0.00 ? 8  DT  A "H1'"  1 
ATOM   247 H H3     . DT  A 1 8  ? -6.925  -3.919  7.319   1.00 0.00 ? 8  DT  A H3     1 
ATOM   248 H H71    . DT  A 1 8  ? -8.525  1.148   8.398   1.00 0.00 ? 8  DT  A H71    1 
ATOM   249 H H72    . DT  A 1 8  ? -6.847  1.091   7.823   1.00 0.00 ? 8  DT  A H72    1 
ATOM   250 H H73    . DT  A 1 8  ? -7.275  0.349   9.375   1.00 0.00 ? 8  DT  A H73    1 
ATOM   251 H H6     . DT  A 1 8  ? -9.364  0.126   6.413   1.00 0.00 ? 8  DT  A H6     1 
ATOM   252 P P      . DC  A 1 9  ? -14.250 -2.693  4.283   1.00 0.00 ? 9  DC  A P      1 
ATOM   253 O OP1    . DC  A 1 9  ? -15.290 -2.868  3.248   1.00 0.00 ? 9  DC  A OP1    1 
ATOM   254 O OP2    . DC  A 1 9  ? -14.579 -2.058  5.577   1.00 0.00 ? 9  DC  A OP2    1 
ATOM   255 O "O5'"  . DC  A 1 9  ? -13.564 -4.117  4.580   1.00 0.00 ? 9  DC  A "O5'"  1 
ATOM   256 C "C5'"  . DC  A 1 9  ? -13.014 -4.870  3.511   1.00 0.00 ? 9  DC  A "C5'"  1 
ATOM   257 C "C4'"  . DC  A 1 9  ? -12.493 -6.247  3.939   1.00 0.00 ? 9  DC  A "C4'"  1 
ATOM   258 O "O4'"  . DC  A 1 9  ? -11.279 -6.063  4.658   1.00 0.00 ? 9  DC  A "O4'"  1 
ATOM   259 C "C3'"  . DC  A 1 9  ? -13.456 -7.063  4.811   1.00 0.00 ? 9  DC  A "C3'"  1 
ATOM   260 O "O3'"  . DC  A 1 9  ? -13.435 -8.414  4.374   1.00 0.00 ? 9  DC  A "O3'"  1 
ATOM   261 C "C2'"  . DC  A 1 9  ? -12.847 -6.897  6.195   1.00 0.00 ? 9  DC  A "C2'"  1 
ATOM   262 C "C1'"  . DC  A 1 9  ? -11.355 -6.741  5.896   1.00 0.00 ? 9  DC  A "C1'"  1 
ATOM   263 N N1     . DC  A 1 9  ? -10.701 -5.929  6.954   1.00 0.00 ? 9  DC  A N1     1 
ATOM   264 C C2     . DC  A 1 9  ? -9.772  -6.513  7.818   1.00 0.00 ? 9  DC  A C2     1 
ATOM   265 O O2     . DC  A 1 9  ? -9.332  -7.647  7.639   1.00 0.00 ? 9  DC  A O2     1 
ATOM   266 N N3     . DC  A 1 9  ? -9.341  -5.828  8.908   1.00 0.00 ? 9  DC  A N3     1 
ATOM   267 C C4     . DC  A 1 9  ? -9.787  -4.602  9.127   1.00 0.00 ? 9  DC  A C4     1 
ATOM   268 N N4     . DC  A 1 9  ? -9.338  -3.989  10.190  1.00 0.00 ? 9  DC  A N4     1 
ATOM   269 C C5     . DC  A 1 9  ? -10.678 -3.934  8.237   1.00 0.00 ? 9  DC  A C5     1 
ATOM   270 C C6     . DC  A 1 9  ? -11.102 -4.633  7.154   1.00 0.00 ? 9  DC  A C6     1 
ATOM   271 H "H5'"  . DC  A 1 9  ? -12.179 -4.310  3.085   1.00 0.00 ? 9  DC  A "H5'"  1 
ATOM   272 H "H5''" . DC  A 1 9  ? -13.770 -4.998  2.736   1.00 0.00 ? 9  DC  A "H5''" 1 
ATOM   273 H "H4'"  . DC  A 1 9  ? -12.285 -6.819  3.035   1.00 0.00 ? 9  DC  A "H4'"  1 
ATOM   274 H "H3'"  . DC  A 1 9  ? -14.471 -6.659  4.779   1.00 0.00 ? 9  DC  A "H3'"  1 
ATOM   275 H "H2'"  . DC  A 1 9  ? -13.266 -5.998  6.645   1.00 0.00 ? 9  DC  A "H2'"  1 
ATOM   276 H "H2''" . DC  A 1 9  ? -13.035 -7.747  6.847   1.00 0.00 ? 9  DC  A "H2''" 1 
ATOM   277 H "H1'"  . DC  A 1 9  ? -10.894 -7.729  5.799   1.00 0.00 ? 9  DC  A "H1'"  1 
ATOM   278 H H41    . DC  A 1 9  ? -8.531  -4.424  10.646  1.00 0.00 ? 9  DC  A H41    1 
ATOM   279 H H42    . DC  A 1 9  ? -9.647  -3.064  10.416  1.00 0.00 ? 9  DC  A H42    1 
ATOM   280 H H5     . DC  A 1 9  ? -11.002 -2.918  8.387   1.00 0.00 ? 9  DC  A H5     1 
ATOM   281 H H6     . DC  A 1 9  ? -11.775 -4.204  6.421   1.00 0.00 ? 9  DC  A H6     1 
ATOM   282 P P      . DT  A 1 10 ? -14.350 -9.558  5.051   1.00 0.00 ? 10 DT  A P      1 
ATOM   283 O OP1    . DT  A 1 10 ? -14.580 -10.625 4.057   1.00 0.00 ? 10 DT  A OP1    1 
ATOM   284 O OP2    . DT  A 1 10 ? -15.490 -8.915  5.738   1.00 0.00 ? 10 DT  A OP2    1 
ATOM   285 O "O5'"  . DT  A 1 10 ? -13.360 -10.138 6.186   1.00 0.00 ? 10 DT  A "O5'"  1 
ATOM   286 C "C5'"  . DT  A 1 10 ? -12.258 -10.962 5.844   1.00 0.00 ? 10 DT  A "C5'"  1 
ATOM   287 C "C4'"  . DT  A 1 10 ? -11.536 -11.493 7.090   1.00 0.00 ? 10 DT  A "C4'"  1 
ATOM   288 O "O4'"  . DT  A 1 10 ? -10.820 -10.455 7.727   1.00 0.00 ? 10 DT  A "O4'"  1 
ATOM   289 C "C3'"  . DT  A 1 10 ? -12.471 -12.066 8.160   1.00 0.00 ? 10 DT  A "C3'"  1 
ATOM   290 O "O3'"  . DT  A 1 10 ? -12.733 -13.444 7.969   1.00 0.00 ? 10 DT  A "O3'"  1 
ATOM   291 C "C2'"  . DT  A 1 10 ? -11.687 -11.845 9.449   1.00 0.00 ? 10 DT  A "C2'"  1 
ATOM   292 C "C1'"  . DT  A 1 10 ? -10.618 -10.805 9.086   1.00 0.00 ? 10 DT  A "C1'"  1 
ATOM   293 N N1     . DT  A 1 10 ? -10.719 -9.589  9.938   1.00 0.00 ? 10 DT  A N1     1 
ATOM   294 C C2     . DT  A 1 10 ? -9.858  -9.477  11.035  1.00 0.00 ? 10 DT  A C2     1 
ATOM   295 O O2     . DT  A 1 10 ? -9.047  -10.344 11.349  1.00 0.00 ? 10 DT  A O2     1 
ATOM   296 N N3     . DT  A 1 10 ? -9.970  -8.331  11.796  1.00 0.00 ? 10 DT  A N3     1 
ATOM   297 C C4     . DT  A 1 10 ? -10.865 -7.305  11.578  1.00 0.00 ? 10 DT  A C4     1 
ATOM   298 O O4     . DT  A 1 10 ? -10.831 -6.334  12.330  1.00 0.00 ? 10 DT  A O4     1 
ATOM   299 C C5     . DT  A 1 10 ? -11.760 -7.501  10.438  1.00 0.00 ? 10 DT  A C5     1 
ATOM   300 C C7     . DT  A 1 10 ? -12.802 -6.449  10.099  1.00 0.00 ? 10 DT  A C7     1 
ATOM   301 C C6     . DT  A 1 10 ? -11.659 -8.615  9.663   1.00 0.00 ? 10 DT  A C6     1 
ATOM   302 H "H5'"  . DT  A 1 10 ? -11.554 -10.393 5.235   1.00 0.00 ? 10 DT  A "H5'"  1 
ATOM   303 H "H5''" . DT  A 1 10 ? -12.621 -11.809 5.261   1.00 0.00 ? 10 DT  A "H5''" 1 
ATOM   304 H "H4'"  . DT  A 1 10 ? -10.828 -12.266 6.789   1.00 0.00 ? 10 DT  A "H4'"  1 
ATOM   305 H "H3'"  . DT  A 1 10 ? -13.399 -11.491 8.204   1.00 0.00 ? 10 DT  A "H3'"  1 
ATOM   306 H "HO3'" . DT  A 1 10 ? -13.427 -13.543 7.308   1.00 0.00 ? 10 DT  A "HO3'" 1 
ATOM   307 H "H2'"  . DT  A 1 10 ? -12.355 -11.486 10.234  1.00 0.00 ? 10 DT  A "H2'"  1 
ATOM   308 H "H2''" . DT  A 1 10 ? -11.204 -12.769 9.771   1.00 0.00 ? 10 DT  A "H2''" 1 
ATOM   309 H "H1'"  . DT  A 1 10 ? -9.629  -11.256 9.199   1.00 0.00 ? 10 DT  A "H1'"  1 
ATOM   310 H H3     . DT  A 1 10 ? -9.302  -8.185  12.543  1.00 0.00 ? 10 DT  A H3     1 
ATOM   311 H H71    . DT  A 1 10 ? -12.425 -5.461  10.365  1.00 0.00 ? 10 DT  A H71    1 
ATOM   312 H H72    . DT  A 1 10 ? -13.713 -6.643  10.665  1.00 0.00 ? 10 DT  A H72    1 
ATOM   313 H H73    . DT  A 1 10 ? -13.032 -6.459  9.035   1.00 0.00 ? 10 DT  A H73    1 
ATOM   314 H H6     . DT  A 1 10 ? -12.299 -8.750  8.801   1.00 0.00 ? 10 DT  A H6     1 
ATOM   315 O "O5'"  . DA  B 2 1  ? -3.909  -6.155  20.720  1.00 0.00 ? 11 DA  B "O5'"  1 
ATOM   316 C "C5'"  . DA  B 2 1  ? -2.863  -6.095  19.766  1.00 0.00 ? 11 DA  B "C5'"  1 
ATOM   317 C "C4'"  . DA  B 2 1  ? -2.903  -7.312  18.827  1.00 0.00 ? 11 DA  B "C4'"  1 
ATOM   318 O "O4'"  . DA  B 2 1  ? -4.083  -7.276  18.023  1.00 0.00 ? 11 DA  B "O4'"  1 
ATOM   319 C "C3'"  . DA  B 2 1  ? -1.723  -7.292  17.849  1.00 0.00 ? 11 DA  B "C3'"  1 
ATOM   320 O "O3'"  . DA  B 2 1  ? -1.404  -8.635  17.529  1.00 0.00 ? 11 DA  B "O3'"  1 
ATOM   321 C "C2'"  . DA  B 2 1  ? -2.328  -6.521  16.680  1.00 0.00 ? 11 DA  B "C2'"  1 
ATOM   322 C "C1'"  . DA  B 2 1  ? -3.724  -7.142  16.657  1.00 0.00 ? 11 DA  B "C1'"  1 
ATOM   323 N N9     . DA  B 2 1  ? -4.745  -6.333  15.948  1.00 0.00 ? 11 DA  B N9     1 
ATOM   324 C C8     . DA  B 2 1  ? -4.908  -4.967  15.932  1.00 0.00 ? 11 DA  B C8     1 
ATOM   325 N N7     . DA  B 2 1  ? -5.948  -4.551  15.259  1.00 0.00 ? 11 DA  B N7     1 
ATOM   326 C C5     . DA  B 2 1  ? -6.496  -5.737  14.751  1.00 0.00 ? 11 DA  B C5     1 
ATOM   327 C C6     . DA  B 2 1  ? -7.605  -6.058  13.927  1.00 0.00 ? 11 DA  B C6     1 
ATOM   328 N N6     . DA  B 2 1  ? -8.463  -5.188  13.418  1.00 0.00 ? 11 DA  B N6     1 
ATOM   329 N N1     . DA  B 2 1  ? -7.864  -7.328  13.586  1.00 0.00 ? 11 DA  B N1     1 
ATOM   330 C C2     . DA  B 2 1  ? -7.051  -8.271  14.046  1.00 0.00 ? 11 DA  B C2     1 
ATOM   331 N N3     . DA  B 2 1  ? -5.998  -8.128  14.843  1.00 0.00 ? 11 DA  B N3     1 
ATOM   332 C C4     . DA  B 2 1  ? -5.767  -6.823  15.162  1.00 0.00 ? 11 DA  B C4     1 
ATOM   333 H "H5'"  . DA  B 2 1  ? -1.908  -6.088  20.293  1.00 0.00 ? 11 DA  B "H5'"  1 
ATOM   334 H "H5''" . DA  B 2 1  ? -2.951  -5.180  19.179  1.00 0.00 ? 11 DA  B "H5''" 1 
ATOM   335 H "H4'"  . DA  B 2 1  ? -2.866  -8.225  19.423  1.00 0.00 ? 11 DA  B "H4'"  1 
ATOM   336 H "H3'"  . DA  B 2 1  ? -0.850  -6.783  18.264  1.00 0.00 ? 11 DA  B "H3'"  1 
ATOM   337 H "H2'"  . DA  B 2 1  ? -2.374  -5.462  16.933  1.00 0.00 ? 11 DA  B "H2'"  1 
ATOM   338 H "H2''" . DA  B 2 1  ? -1.784  -6.671  15.748  1.00 0.00 ? 11 DA  B "H2''" 1 
ATOM   339 H "H1'"  . DA  B 2 1  ? -3.656  -8.139  16.204  1.00 0.00 ? 11 DA  B "H1'"  1 
ATOM   340 H H8     . DA  B 2 1  ? -4.244  -4.295  16.455  1.00 0.00 ? 11 DA  B H8     1 
ATOM   341 H H61    . DA  B 2 1  ? -9.251  -5.568  12.894  1.00 0.00 ? 11 DA  B H61    1 
ATOM   342 H H62    . DA  B 2 1  ? -8.280  -4.203  13.512  1.00 0.00 ? 11 DA  B H62    1 
ATOM   343 H H2     . DA  B 2 1  ? -7.281  -9.279  13.731  1.00 0.00 ? 11 DA  B H2     1 
ATOM   344 H "HO5'" . DA  B 2 1  ? -3.872  -5.382  21.290  1.00 0.00 ? 11 DA  B "HO5'" 1 
ATOM   345 P P      . DG  B 2 2  ? -0.132  -9.037  16.628  1.00 0.00 ? 12 DG  B P      1 
ATOM   346 O OP1    . DG  B 2 2  ? 0.432   -10.288 17.175  1.00 0.00 ? 12 DG  B OP1    1 
ATOM   347 O OP2    . DG  B 2 2  ? 0.722   -7.841  16.463  1.00 0.00 ? 12 DG  B OP2    1 
ATOM   348 O "O5'"  . DG  B 2 2  ? -0.835  -9.362  15.216  1.00 0.00 ? 12 DG  B "O5'"  1 
ATOM   349 C "C5'"  . DG  B 2 2  ? -1.574  -10.561 15.045  1.00 0.00 ? 12 DG  B "C5'"  1 
ATOM   350 C "C4'"  . DG  B 2 2  ? -2.022  -10.785 13.599  1.00 0.00 ? 12 DG  B "C4'"  1 
ATOM   351 O "O4'"  . DG  B 2 2  ? -3.156  -9.977  13.325  1.00 0.00 ? 12 DG  B "O4'"  1 
ATOM   352 C "C3'"  . DG  B 2 2  ? -0.953  -10.492 12.534  1.00 0.00 ? 12 DG  B "C3'"  1 
ATOM   353 O "O3'"  . DG  B 2 2  ? -0.944  -11.618 11.673  1.00 0.00 ? 12 DG  B "O3'"  1 
ATOM   354 C "C2'"  . DG  B 2 2  ? -1.491  -9.207  11.908  1.00 0.00 ? 12 DG  B "C2'"  1 
ATOM   355 C "C1'"  . DG  B 2 2  ? -2.997  -9.409  12.043  1.00 0.00 ? 12 DG  B "C1'"  1 
ATOM   356 N N9     . DG  B 2 2  ? -3.744  -8.140  11.998  1.00 0.00 ? 12 DG  B N9     1 
ATOM   357 C C8     . DG  B 2 2  ? -3.510  -7.006  12.728  1.00 0.00 ? 12 DG  B C8     1 
ATOM   358 N N7     . DG  B 2 2  ? -4.303  -6.012  12.445  1.00 0.00 ? 12 DG  B N7     1 
ATOM   359 C C5     . DG  B 2 2  ? -5.180  -6.551  11.499  1.00 0.00 ? 12 DG  B C5     1 
ATOM   360 C C6     . DG  B 2 2  ? -6.334  -5.996  10.852  1.00 0.00 ? 12 DG  B C6     1 
ATOM   361 O O6     . DG  B 2 2  ? -6.821  -4.870  10.937  1.00 0.00 ? 12 DG  B O6     1 
ATOM   362 N N1     . DG  B 2 2  ? -6.986  -6.897  10.035  1.00 0.00 ? 12 DG  B N1     1 
ATOM   363 C C2     . DG  B 2 2  ? -6.587  -8.181  9.838   1.00 0.00 ? 12 DG  B C2     1 
ATOM   364 N N2     . DG  B 2 2  ? -7.312  -8.910  9.023   1.00 0.00 ? 12 DG  B N2     1 
ATOM   365 N N3     . DG  B 2 2  ? -5.515  -8.730  10.406  1.00 0.00 ? 12 DG  B N3     1 
ATOM   366 C C4     . DG  B 2 2  ? -4.855  -7.867  11.237  1.00 0.00 ? 12 DG  B C4     1 
ATOM   367 H "H5'"  . DG  B 2 2  ? -2.455  -10.536 15.686  1.00 0.00 ? 12 DG  B "H5'"  1 
ATOM   368 H "H5''" . DG  B 2 2  ? -0.954  -11.407 15.342  1.00 0.00 ? 12 DG  B "H5''" 1 
ATOM   369 H "H4'"  . DG  B 2 2  ? -2.324  -11.827 13.501  1.00 0.00 ? 12 DG  B "H4'"  1 
ATOM   370 H "H3'"  . DG  B 2 2  ? 0.038   -10.332 12.966  1.00 0.00 ? 12 DG  B "H3'"  1 
ATOM   371 H "H2'"  . DG  B 2 2  ? -1.154  -8.359  12.505  1.00 0.00 ? 12 DG  B "H2'"  1 
ATOM   372 H "H2''" . DG  B 2 2  ? -1.183  -9.067  10.876  1.00 0.00 ? 12 DG  B "H2''" 1 
ATOM   373 H "H1'"  . DG  B 2 2  ? -3.355  -10.094 11.271  1.00 0.00 ? 12 DG  B "H1'"  1 
ATOM   374 H H8     . DG  B 2 2  ? -2.734  -6.962  13.479  1.00 0.00 ? 12 DG  B H8     1 
ATOM   375 H H1     . DG  B 2 2  ? -7.819  -6.552  9.572   1.00 0.00 ? 12 DG  B H1     1 
ATOM   376 H H21    . DG  B 2 2  ? -8.099  -8.504  8.504   1.00 0.00 ? 12 DG  B H21    1 
ATOM   377 H H22    . DG  B 2 2  ? -6.982  -9.844  8.869   1.00 0.00 ? 12 DG  B H22    1 
ATOM   378 P P      . DA  B 2 3  ? -0.189  -11.673 10.252  1.00 0.00 ? 13 DA  B P      1 
ATOM   379 O OP1    . DA  B 2 3  ? 0.266   -13.060 10.026  1.00 0.00 ? 13 DA  B OP1    1 
ATOM   380 O OP2    . DA  B 2 3  ? 0.755   -10.541 10.139  1.00 0.00 ? 13 DA  B OP2    1 
ATOM   381 O "O5'"  . DA  B 2 3  ? -1.448  -11.383 9.295   1.00 0.00 ? 13 DA  B "O5'"  1 
ATOM   382 C "C5'"  . DA  B 2 3  ? -2.582  -12.236 9.335   1.00 0.00 ? 13 DA  B "C5'"  1 
ATOM   383 C "C4'"  . DA  B 2 3  ? -3.523  -12.096 8.132   1.00 0.00 ? 13 DA  B "C4'"  1 
ATOM   384 O "O4'"  . DA  B 2 3  ? -4.216  -10.857 8.174   1.00 0.00 ? 13 DA  B "O4'"  1 
ATOM   385 C "C3'"  . DA  B 2 3  ? -2.789  -12.178 6.797   1.00 0.00 ? 13 DA  B "C3'"  1 
ATOM   386 O "O3'"  . DA  B 2 3  ? -3.634  -12.812 5.856   1.00 0.00 ? 13 DA  B "O3'"  1 
ATOM   387 C "C2'"  . DA  B 2 3  ? -2.546  -10.705 6.498   1.00 0.00 ? 13 DA  B "C2'"  1 
ATOM   388 C "C1'"  . DA  B 2 3  ? -3.782  -10.035 7.104   1.00 0.00 ? 13 DA  B "C1'"  1 
ATOM   389 N N9     . DA  B 2 3  ? -3.542  -8.672  7.636   1.00 0.00 ? 13 DA  B N9     1 
ATOM   390 C C8     . DA  B 2 3  ? -2.545  -8.225  8.468   1.00 0.00 ? 13 DA  B C8     1 
ATOM   391 N N7     . DA  B 2 3  ? -2.665  -6.971  8.826   1.00 0.00 ? 13 DA  B N7     1 
ATOM   392 C C5     . DA  B 2 3  ? -3.839  -6.562  8.181   1.00 0.00 ? 13 DA  B C5     1 
ATOM   393 C C6     . DA  B 2 3  ? -4.597  -5.363  8.133   1.00 0.00 ? 13 DA  B C6     1 
ATOM   394 N N6     . DA  B 2 3  ? -4.331  -4.255  8.806   1.00 0.00 ? 13 DA  B N6     1 
ATOM   395 N N1     . DA  B 2 3  ? -5.720  -5.300  7.407   1.00 0.00 ? 13 DA  B N1     1 
ATOM   396 C C2     . DA  B 2 3  ? -6.098  -6.377  6.730   1.00 0.00 ? 13 DA  B C2     1 
ATOM   397 N N3     . DA  B 2 3  ? -5.492  -7.557  6.679   1.00 0.00 ? 13 DA  B N3     1 
ATOM   398 C C4     . DA  B 2 3  ? -4.366  -7.590  7.442   1.00 0.00 ? 13 DA  B C4     1 
ATOM   399 H "H5'"  . DA  B 2 3  ? -3.144  -12.035 10.246  1.00 0.00 ? 13 DA  B "H5'"  1 
ATOM   400 H "H5''" . DA  B 2 3  ? -2.236  -13.270 9.367   1.00 0.00 ? 13 DA  B "H5''" 1 
ATOM   401 H "H4'"  . DA  B 2 3  ? -4.248  -12.909 8.182   1.00 0.00 ? 13 DA  B "H4'"  1 
ATOM   402 H "H3'"  . DA  B 2 3  ? -1.849  -12.727 6.886   1.00 0.00 ? 13 DA  B "H3'"  1 
ATOM   403 H "H2'"  . DA  B 2 3  ? -1.634  -10.396 7.004   1.00 0.00 ? 13 DA  B "H2'"  1 
ATOM   404 H "H2''" . DA  B 2 3  ? -2.459  -10.516 5.432   1.00 0.00 ? 13 DA  B "H2''" 1 
ATOM   405 H "H1'"  . DA  B 2 3  ? -4.569  -9.995  6.345   1.00 0.00 ? 13 DA  B "H1'"  1 
ATOM   406 H H8     . DA  B 2 3  ? -1.736  -8.867  8.791   1.00 0.00 ? 13 DA  B H8     1 
ATOM   407 H H61    . DA  B 2 3  ? -5.020  -3.502  8.777   1.00 0.00 ? 13 DA  B H61    1 
ATOM   408 H H62    . DA  B 2 3  ? -3.553  -4.241  9.442   1.00 0.00 ? 13 DA  B H62    1 
ATOM   409 H H2     . DA  B 2 3  ? -7.010  -6.287  6.156   1.00 0.00 ? 13 DA  B H2     1 
ATOM   410 P P      . DT  B 2 4  ? -3.157  -13.102 4.349   1.00 0.00 ? 14 DT  B P      1 
ATOM   411 O OP1    . DT  B 2 4  ? -3.844  -14.318 3.869   1.00 0.00 ? 14 DT  B OP1    1 
ATOM   412 O OP2    . DT  B 2 4  ? -1.684  -12.990 4.283   1.00 0.00 ? 14 DT  B OP2    1 
ATOM   413 O "O5'"  . DT  B 2 4  ? -3.778  -11.826 3.607   1.00 0.00 ? 14 DT  B "O5'"  1 
ATOM   414 C "C5'"  . DT  B 2 4  ? -5.177  -11.702 3.426   1.00 0.00 ? 14 DT  B "C5'"  1 
ATOM   415 C "C4'"  . DT  B 2 4  ? -5.504  -10.453 2.614   1.00 0.00 ? 14 DT  B "C4'"  1 
ATOM   416 O "O4'"  . DT  B 2 4  ? -5.312  -9.298  3.414   1.00 0.00 ? 14 DT  B "O4'"  1 
ATOM   417 C "C3'"  . DT  B 2 4  ? -4.635  -10.322 1.360   1.00 0.00 ? 14 DT  B "C3'"  1 
ATOM   418 O "O3'"  . DT  B 2 4  ? -5.515  -10.196 0.262   1.00 0.00 ? 14 DT  B "O3'"  1 
ATOM   419 C "C2'"  . DT  B 2 4  ? -3.811  -9.067  1.634   1.00 0.00 ? 14 DT  B "C2'"  1 
ATOM   420 C "C1'"  . DT  B 2 4  ? -4.696  -8.301  2.627   1.00 0.00 ? 14 DT  B "C1'"  1 
ATOM   421 N N1     . DT  B 2 4  ? -3.977  -7.380  3.554   1.00 0.00 ? 14 DT  B N1     1 
ATOM   422 C C2     . DT  B 2 4  ? -4.497  -6.093  3.739   1.00 0.00 ? 14 DT  B C2     1 
ATOM   423 O O2     . DT  B 2 4  ? -5.495  -5.669  3.168   1.00 0.00 ? 14 DT  B O2     1 
ATOM   424 N N3     . DT  B 2 4  ? -3.799  -5.257  4.584   1.00 0.00 ? 14 DT  B N3     1 
ATOM   425 C C4     . DT  B 2 4  ? -2.629  -5.569  5.245   1.00 0.00 ? 14 DT  B C4     1 
ATOM   426 O O4     . DT  B 2 4  ? -2.100  -4.693  5.927   1.00 0.00 ? 14 DT  B O4     1 
ATOM   427 C C5     . DT  B 2 4  ? -2.152  -6.939  5.032   1.00 0.00 ? 14 DT  B C5     1 
ATOM   428 C C7     . DT  B 2 4  ? -0.872  -7.443  5.682   1.00 0.00 ? 14 DT  B C7     1 
ATOM   429 C C6     . DT  B 2 4  ? -2.841  -7.786  4.222   1.00 0.00 ? 14 DT  B C6     1 
ATOM   430 H "H5'"  . DT  B 2 4  ? -5.670  -11.639 4.396   1.00 0.00 ? 14 DT  B "H5'"  1 
ATOM   431 H "H5''" . DT  B 2 4  ? -5.550  -12.576 2.889   1.00 0.00 ? 14 DT  B "H5''" 1 
ATOM   432 H "H4'"  . DT  B 2 4  ? -6.550  -10.499 2.308   1.00 0.00 ? 14 DT  B "H4'"  1 
ATOM   433 H "H3'"  . DT  B 2 4  ? -3.983  -11.189 1.222   1.00 0.00 ? 14 DT  B "H3'"  1 
ATOM   434 H "H2'"  . DT  B 2 4  ? -2.863  -9.369  2.075   1.00 0.00 ? 14 DT  B "H2'"  1 
ATOM   435 H "H2''" . DT  B 2 4  ? -3.622  -8.505  0.725   1.00 0.00 ? 14 DT  B "H2''" 1 
ATOM   436 H "H1'"  . DT  B 2 4  ? -5.461  -7.759  2.061   1.00 0.00 ? 14 DT  B "H1'"  1 
ATOM   437 H H3     . DT  B 2 4  ? -4.168  -4.316  4.681   1.00 0.00 ? 14 DT  B H3     1 
ATOM   438 H H71    . DT  B 2 4  ? -0.069  -7.460  4.947   1.00 0.00 ? 14 DT  B H71    1 
ATOM   439 H H72    . DT  B 2 4  ? -1.007  -8.455  6.056   1.00 0.00 ? 14 DT  B H72    1 
ATOM   440 H H73    . DT  B 2 4  ? -0.587  -6.804  6.519   1.00 0.00 ? 14 DT  B H73    1 
ATOM   441 H H6     . DT  B 2 4  ? -2.497  -8.803  4.094   1.00 0.00 ? 14 DT  B H6     1 
ATOM   442 P P      . DC  B 2 5  ? -4.993  -10.156 -1.255  1.00 0.00 ? 15 DC  B P      1 
ATOM   443 O OP1    . DC  B 2 5  ? -5.996  -10.837 -2.102  1.00 0.00 ? 15 DC  B OP1    1 
ATOM   444 O OP2    . DC  B 2 5  ? -3.573  -10.565 -1.289  1.00 0.00 ? 15 DC  B OP2    1 
ATOM   445 O "O5'"  . DC  B 2 5  ? -5.078  -8.569  -1.501  1.00 0.00 ? 15 DC  B "O5'"  1 
ATOM   446 C "C5'"  . DC  B 2 5  ? -6.340  -7.948  -1.686  1.00 0.00 ? 15 DC  B "C5'"  1 
ATOM   447 C "C4'"  . DC  B 2 5  ? -6.243  -6.441  -1.950  1.00 0.00 ? 15 DC  B "C4'"  1 
ATOM   448 O "O4'"  . DC  B 2 5  ? -6.026  -5.744  -0.733  1.00 0.00 ? 15 DC  B "O4'"  1 
ATOM   449 C "C3'"  . DC  B 2 5  ? -5.158  -6.042  -2.955  1.00 0.00 ? 15 DC  B "C3'"  1 
ATOM   450 O "O3'"  . DC  B 2 5  ? -5.809  -5.541  -4.108  1.00 0.00 ? 15 DC  B "O3'"  1 
ATOM   451 C "C2'"  . DC  B 2 5  ? -4.344  -4.986  -2.204  1.00 0.00 ? 15 DC  B "C2'"  1 
ATOM   452 C "C1'"  . DC  B 2 5  ? -5.176  -4.636  -0.956  1.00 0.00 ? 15 DC  B "C1'"  1 
ATOM   453 N N1     . DC  B 2 5  ? -4.315  -4.491  0.248   1.00 0.00 ? 15 DC  B N1     1 
ATOM   454 C C2     . DC  B 2 5  ? -4.241  -3.282  0.958   1.00 0.00 ? 15 DC  B C2     1 
ATOM   455 O O2     . DC  B 2 5  ? -5.076  -2.385  0.828   1.00 0.00 ? 15 DC  B O2     1 
ATOM   456 N N3     . DC  B 2 5  ? -3.209  -3.075  1.823   1.00 0.00 ? 15 DC  B N3     1 
ATOM   457 C C4     . DC  B 2 5  ? -2.335  -4.050  2.009   1.00 0.00 ? 15 DC  B C4     1 
ATOM   458 N N4     . DC  B 2 5  ? -1.339  -3.780  2.812   1.00 0.00 ? 15 DC  B N4     1 
ATOM   459 C C5     . DC  B 2 5  ? -2.460  -5.348  1.439   1.00 0.00 ? 15 DC  B C5     1 
ATOM   460 C C6     . DC  B 2 5  ? -3.484  -5.531  0.573   1.00 0.00 ? 15 DC  B C6     1 
ATOM   461 H "H5'"  . DC  B 2 5  ? -6.952  -8.109  -0.798  1.00 0.00 ? 15 DC  B "H5'"  1 
ATOM   462 H "H5''" . DC  B 2 5  ? -6.833  -8.419  -2.537  1.00 0.00 ? 15 DC  B "H5''" 1 
ATOM   463 H "H4'"  . DC  B 2 5  ? -7.202  -6.116  -2.355  1.00 0.00 ? 15 DC  B "H4'"  1 
ATOM   464 H "H3'"  . DC  B 2 5  ? -4.522  -6.892  -3.215  1.00 0.00 ? 15 DC  B "H3'"  1 
ATOM   465 H "H2'"  . DC  B 2 5  ? -3.383  -5.426  -1.949  1.00 0.00 ? 15 DC  B "H2'"  1 
ATOM   466 H "H2''" . DC  B 2 5  ? -4.150  -4.102  -2.804  1.00 0.00 ? 15 DC  B "H2''" 1 
ATOM   467 H "H1'"  . DC  B 2 5  ? -5.758  -3.727  -1.142  1.00 0.00 ? 15 DC  B "H1'"  1 
ATOM   468 H H41    . DC  B 2 5  ? -1.364  -2.874  3.236   1.00 0.00 ? 15 DC  B H41    1 
ATOM   469 H H42    . DC  B 2 5  ? -0.606  -4.445  2.964   1.00 0.00 ? 15 DC  B H42    1 
ATOM   470 H H5     . DC  B 2 5  ? -1.792  -6.164  1.663   1.00 0.00 ? 15 DC  B H5     1 
ATOM   471 H H6     . DC  B 2 5  ? -3.651  -6.479  0.077   1.00 0.00 ? 15 DC  B H6     1 
ATOM   472 P P      . DA  B 2 6  ? -5.032  -5.204  -5.482  1.00 0.00 ? 16 DA  B P      1 
ATOM   473 O OP1    . DA  B 2 6  ? -6.024  -5.236  -6.577  1.00 0.00 ? 16 DA  B OP1    1 
ATOM   474 O OP2    . DA  B 2 6  ? -3.801  -6.017  -5.564  1.00 0.00 ? 16 DA  B OP2    1 
ATOM   475 O "O5'"  . DA  B 2 6  ? -4.611  -3.679  -5.250  1.00 0.00 ? 16 DA  B "O5'"  1 
ATOM   476 C "C5'"  . DA  B 2 6  ? -5.576  -2.727  -4.839  1.00 0.00 ? 16 DA  B "C5'"  1 
ATOM   477 C "C4'"  . DA  B 2 6  ? -5.125  -1.313  -5.173  1.00 0.00 ? 16 DA  B "C4'"  1 
ATOM   478 O "O4'"  . DA  B 2 6  ? -3.925  -1.014  -4.498  1.00 0.00 ? 16 DA  B "O4'"  1 
ATOM   479 C "C3'"  . DA  B 2 6  ? -4.880  -1.104  -6.669  1.00 0.00 ? 16 DA  B "C3'"  1 
ATOM   480 O "O3'"  . DA  B 2 6  ? -5.576  0.079   -7.016  1.00 0.00 ? 16 DA  B "O3'"  1 
ATOM   481 C "C2'"  . DA  B 2 6  ? -3.359  -0.963  -6.753  1.00 0.00 ? 16 DA  B "C2'"  1 
ATOM   482 C "C1'"  . DA  B 2 6  ? -3.070  -0.348  -5.388  1.00 0.00 ? 16 DA  B "C1'"  1 
ATOM   483 N N9     . DA  B 2 6  ? -1.713  -0.553  -4.849  1.00 0.00 ? 16 DA  B N9     1 
ATOM   484 C C8     . DA  B 2 6  ? -0.982  -1.709  -4.719  1.00 0.00 ? 16 DA  B C8     1 
ATOM   485 N N7     . DA  B 2 6  ? 0.150   -1.558  -4.075  1.00 0.00 ? 16 DA  B N7     1 
ATOM   486 C C5     . DA  B 2 6  ? 0.142   -0.197  -3.733  1.00 0.00 ? 16 DA  B C5     1 
ATOM   487 C C6     . DA  B 2 6  ? 1.003   0.695   -3.045  1.00 0.00 ? 16 DA  B C6     1 
ATOM   488 N N6     . DA  B 2 6  ? 2.206   0.497   -2.551  1.00 0.00 ? 16 DA  B N6     1 
ATOM   489 N N1     . DA  B 2 6  ? 0.677   1.967   -2.878  1.00 0.00 ? 16 DA  B N1     1 
ATOM   490 C C2     . DA  B 2 6  ? -0.457  2.410   -3.380  1.00 0.00 ? 16 DA  B C2     1 
ATOM   491 N N3     . DA  B 2 6  ? -1.373  1.712   -4.038  1.00 0.00 ? 16 DA  B N3     1 
ATOM   492 C C4     . DA  B 2 6  ? -1.000  0.409   -4.190  1.00 0.00 ? 16 DA  B C4     1 
ATOM   493 H "H5'"  . DA  B 2 6  ? -5.737  -2.810  -3.764  1.00 0.00 ? 16 DA  B "H5'"  1 
ATOM   494 H "H5''" . DA  B 2 6  ? -6.521  -2.917  -5.352  1.00 0.00 ? 16 DA  B "H5''" 1 
ATOM   495 H "H4'"  . DA  B 2 6  ? -5.892  -0.616  -4.837  1.00 0.00 ? 16 DA  B "H4'"  1 
ATOM   496 H "H3'"  . DA  B 2 6  ? -5.233  -1.955  -7.258  1.00 0.00 ? 16 DA  B "H3'"  1 
ATOM   497 H "H2'"  . DA  B 2 6  ? -2.906  -1.951  -6.839  1.00 0.00 ? 16 DA  B "H2'"  1 
ATOM   498 H "H2''" . DA  B 2 6  ? -3.052  -0.317  -7.575  1.00 0.00 ? 16 DA  B "H2''" 1 
ATOM   499 H "H1'"  . DA  B 2 6  ? -3.319  0.717   -5.411  1.00 0.00 ? 16 DA  B "H1'"  1 
ATOM   500 H H8     . DA  B 2 6  ? -1.337  -2.658  -5.103  1.00 0.00 ? 16 DA  B H8     1 
ATOM   501 H H61    . DA  B 2 6  ? 2.560   1.408   -2.263  1.00 0.00 ? 16 DA  B H61    1 
ATOM   502 H H62    . DA  B 2 6  ? 2.726   -0.346  -2.711  1.00 0.00 ? 16 DA  B H62    1 
ATOM   503 H H2     . DA  B 2 6  ? -0.649  3.462   -3.235  1.00 0.00 ? 16 DA  B H2     1 
ATOM   504 P P      . DA  B 2 7  ? -5.753  0.562   -8.537  1.00 0.00 ? 17 DA  B P      1 
ATOM   505 O OP1    . DA  B 2 7  ? -7.071  1.220   -8.657  1.00 0.00 ? 17 DA  B OP1    1 
ATOM   506 O OP2    . DA  B 2 7  ? -5.378  -0.543  -9.444  1.00 0.00 ? 17 DA  B OP2    1 
ATOM   507 O "O5'"  . DA  B 2 7  ? -4.609  1.684   -8.611  1.00 0.00 ? 17 DA  B "O5'"  1 
ATOM   508 C "C5'"  . DA  B 2 7  ? -4.824  2.984   -8.092  1.00 0.00 ? 17 DA  B "C5'"  1 
ATOM   509 C "C4'"  . DA  B 2 7  ? -3.532  3.800   -8.143  1.00 0.00 ? 17 DA  B "C4'"  1 
ATOM   510 O "O4'"  . DA  B 2 7  ? -2.556  3.279   -7.248  1.00 0.00 ? 17 DA  B "O4'"  1 
ATOM   511 C "C3'"  . DA  B 2 7  ? -2.909  3.856   -9.544  1.00 0.00 ? 17 DA  B "C3'"  1 
ATOM   512 O "O3'"  . DA  B 2 7  ? -2.978  5.204   -9.985  1.00 0.00 ? 17 DA  B "O3'"  1 
ATOM   513 C "C2'"  . DA  B 2 7  ? -1.487  3.364   -9.283  1.00 0.00 ? 17 DA  B "C2'"  1 
ATOM   514 C "C1'"  . DA  B 2 7  ? -1.293  3.607   -7.785  1.00 0.00 ? 17 DA  B "C1'"  1 
ATOM   515 N N9     . DA  B 2 7  ? -0.235  2.751   -7.196  1.00 0.00 ? 17 DA  B N9     1 
ATOM   516 C C8     . DA  B 2 7  ? -0.156  1.380   -7.200  1.00 0.00 ? 17 DA  B C8     1 
ATOM   517 N N7     . DA  B 2 7  ? 0.950   0.903   -6.698  1.00 0.00 ? 17 DA  B N7     1 
ATOM   518 C C5     . DA  B 2 7  ? 1.638   2.049   -6.286  1.00 0.00 ? 17 DA  B C5     1 
ATOM   519 C C6     . DA  B 2 7  ? 2.884   2.290   -5.657  1.00 0.00 ? 17 DA  B C6     1 
ATOM   520 N N6     . DA  B 2 7  ? 3.749   1.346   -5.327  1.00 0.00 ? 17 DA  B N6     1 
ATOM   521 N N1     . DA  B 2 7  ? 3.283   3.533   -5.372  1.00 0.00 ? 17 DA  B N1     1 
ATOM   522 C C2     . DA  B 2 7  ? 2.465   4.532   -5.690  1.00 0.00 ? 17 DA  B C2     1 
ATOM   523 N N3     . DA  B 2 7  ? 1.283   4.462   -6.301  1.00 0.00 ? 17 DA  B N3     1 
ATOM   524 C C4     . DA  B 2 7  ? 0.916   3.179   -6.568  1.00 0.00 ? 17 DA  B C4     1 
ATOM   525 H "H5'"  . DA  B 2 7  ? -5.169  2.927   -7.060  1.00 0.00 ? 17 DA  B "H5'"  1 
ATOM   526 H "H5''" . DA  B 2 7  ? -5.586  3.487   -8.691  1.00 0.00 ? 17 DA  B "H5''" 1 
ATOM   527 H "H4'"  . DA  B 2 7  ? -3.760  4.822   -7.839  1.00 0.00 ? 17 DA  B "H4'"  1 
ATOM   528 H "H3'"  . DA  B 2 7  ? -3.418  3.190   -10.247 1.00 0.00 ? 17 DA  B "H3'"  1 
ATOM   529 H "H2'"  . DA  B 2 7  ? -1.439  2.297   -9.507  1.00 0.00 ? 17 DA  B "H2'"  1 
ATOM   530 H "H2''" . DA  B 2 7  ? -0.765  3.909   -9.878  1.00 0.00 ? 17 DA  B "H2''" 1 
ATOM   531 H "H1'"  . DA  B 2 7  ? -1.068  4.663   -7.606  1.00 0.00 ? 17 DA  B "H1'"  1 
ATOM   532 H H8     . DA  B 2 7  ? -0.950  0.761   -7.595  1.00 0.00 ? 17 DA  B H8     1 
ATOM   533 H H61    . DA  B 2 7  ? 4.632   1.627   -4.901  1.00 0.00 ? 17 DA  B H61    1 
ATOM   534 H H62    . DA  B 2 7  ? 3.534   0.385   -5.524  1.00 0.00 ? 17 DA  B H62    1 
ATOM   535 H H2     . DA  B 2 7  ? 2.821   5.527   -5.460  1.00 0.00 ? 17 DA  B H2     1 
ATOM   536 P P      . DT  B 2 8  ? -2.476  5.694   -11.441 1.00 0.00 ? 18 DT  B P      1 
ATOM   537 O OP1    . DT  B 2 8  ? -3.414  6.720   -11.941 1.00 0.00 ? 18 DT  B OP1    1 
ATOM   538 O OP2    . DT  B 2 8  ? -2.144  4.511   -12.266 1.00 0.00 ? 18 DT  B OP2    1 
ATOM   539 O "O5'"  . DT  B 2 8  ? -1.099  6.416   -11.039 1.00 0.00 ? 18 DT  B "O5'"  1 
ATOM   540 C "C5'"  . DT  B 2 8  ? -1.091  7.636   -10.311 1.00 0.00 ? 18 DT  B "C5'"  1 
ATOM   541 C "C4'"  . DT  B 2 8  ? 0.339   8.068   -9.963  1.00 0.00 ? 18 DT  B "C4'"  1 
ATOM   542 O "O4'"  . DT  B 2 8  ? 0.932   7.060   -9.149  1.00 0.00 ? 18 DT  B "O4'"  1 
ATOM   543 C "C3'"  . DT  B 2 8  ? 1.238   8.253   -11.202 1.00 0.00 ? 18 DT  B "C3'"  1 
ATOM   544 O "O3'"  . DT  B 2 8  ? 2.206   9.275   -11.031 1.00 0.00 ? 18 DT  B "O3'"  1 
ATOM   545 C "C2'"  . DT  B 2 8  ? 2.013   6.948   -11.211 1.00 0.00 ? 18 DT  B "C2'"  1 
ATOM   546 C "C1'"  . DT  B 2 8  ? 2.201   6.773   -9.701  1.00 0.00 ? 18 DT  B "C1'"  1 
ATOM   547 N N1     . DT  B 2 8  ? 2.695   5.426   -9.325  1.00 0.00 ? 18 DT  B N1     1 
ATOM   548 C C2     . DT  B 2 8  ? 3.851   5.349   -8.544  1.00 0.00 ? 18 DT  B C2     1 
ATOM   549 O O2     . DT  B 2 8  ? 4.370   6.308   -7.983  1.00 0.00 ? 18 DT  B O2     1 
ATOM   550 N N3     . DT  B 2 8  ? 4.422   4.106   -8.416  1.00 0.00 ? 18 DT  B N3     1 
ATOM   551 C C4     . DT  B 2 8  ? 3.965   2.939   -8.987  1.00 0.00 ? 18 DT  B C4     1 
ATOM   552 O O4     . DT  B 2 8  ? 4.636   1.920   -8.849  1.00 0.00 ? 18 DT  B O4     1 
ATOM   553 C C5     . DT  B 2 8  ? 2.699   3.071   -9.707  1.00 0.00 ? 18 DT  B C5     1 
ATOM   554 C C7     . DT  B 2 8  ? 2.042   1.859   -10.345 1.00 0.00 ? 18 DT  B C7     1 
ATOM   555 C C6     . DT  B 2 8  ? 2.115   4.290   -9.847  1.00 0.00 ? 18 DT  B C6     1 
ATOM   556 H "H5'"  . DT  B 2 8  ? -1.651  7.509   -9.384  1.00 0.00 ? 18 DT  B "H5'"  1 
ATOM   557 H "H5''" . DT  B 2 8  ? -1.569  8.418   -10.903 1.00 0.00 ? 18 DT  B "H5''" 1 
ATOM   558 H "H4'"  . DT  B 2 8  ? 0.296   9.004   -9.406  1.00 0.00 ? 18 DT  B "H4'"  1 
ATOM   559 H "H3'"  . DT  B 2 8  ? 0.664   8.391   -12.122 1.00 0.00 ? 18 DT  B "H3'"  1 
ATOM   560 H "H2'"  . DT  B 2 8  ? 1.397   6.162   -11.645 1.00 0.00 ? 18 DT  B "H2'"  1 
ATOM   561 H "H2''" . DT  B 2 8  ? 2.960   7.031   -11.742 1.00 0.00 ? 18 DT  B "H2''" 1 
ATOM   562 H "H1'"  . DT  B 2 8  ? 2.905   7.535   -9.350  1.00 0.00 ? 18 DT  B "H1'"  1 
ATOM   563 H H3     . DT  B 2 8  ? 5.248   4.071   -7.826  1.00 0.00 ? 18 DT  B H3     1 
ATOM   564 H H71    . DT  B 2 8  ? 1.996   1.045   -9.621  1.00 0.00 ? 18 DT  B H71    1 
ATOM   565 H H72    . DT  B 2 8  ? 2.632   1.541   -11.204 1.00 0.00 ? 18 DT  B H72    1 
ATOM   566 H H73    . DT  B 2 8  ? 1.029   2.093   -10.677 1.00 0.00 ? 18 DT  B H73    1 
ATOM   567 H H6     . DT  B 2 8  ? 1.193   4.398   -10.398 1.00 0.00 ? 18 DT  B H6     1 
ATOM   568 P P      . DG  B 2 9  ? 1.861   10.837  -11.188 1.00 0.00 ? 19 DG  B P      1 
ATOM   569 O OP1    . DG  B 2 9  ? 0.542   11.106  -10.578 1.00 0.00 ? 19 DG  B OP1    1 
ATOM   570 O OP2    . DG  B 2 9  ? 2.144   11.231  -12.581 1.00 0.00 ? 19 DG  B OP2    1 
ATOM   571 O "O5'"  . DG  B 2 9  ? 3.004   11.440  -10.236 1.00 0.00 ? 19 DG  B "O5'"  1 
ATOM   572 C "C5'"  . DG  B 2 9  ? 2.919   11.375  -8.819  1.00 0.00 ? 19 DG  B "C5'"  1 
ATOM   573 C "C4'"  . DG  B 2 9  ? 4.316   11.297  -8.171  1.00 0.00 ? 19 DG  B "C4'"  1 
ATOM   574 O "O4'"  . DG  B 2 9  ? 4.772   9.944   -8.217  1.00 0.00 ? 19 DG  B "O4'"  1 
ATOM   575 C "C3'"  . DG  B 2 9  ? 5.376   12.158  -8.875  1.00 0.00 ? 19 DG  B "C3'"  1 
ATOM   576 O "O3'"  . DG  B 2 9  ? 6.276   12.699  -7.918  1.00 0.00 ? 19 DG  B "O3'"  1 
ATOM   577 C "C2'"  . DG  B 2 9  ? 6.052   11.124  -9.768  1.00 0.00 ? 19 DG  B "C2'"  1 
ATOM   578 C "C1'"  . DG  B 2 9  ? 6.027   9.878   -8.879  1.00 0.00 ? 19 DG  B "C1'"  1 
ATOM   579 N N9     . DG  B 2 9  ? 6.159   8.588   -9.619  1.00 0.00 ? 19 DG  B N9     1 
ATOM   580 C C8     . DG  B 2 9  ? 5.394   8.133   -10.665 1.00 0.00 ? 19 DG  B C8     1 
ATOM   581 N N7     . DG  B 2 9  ? 5.679   6.918   -11.055 1.00 0.00 ? 19 DG  B N7     1 
ATOM   582 C C5     . DG  B 2 9  ? 6.752   6.540   -10.240 1.00 0.00 ? 19 DG  B C5     1 
ATOM   583 C C6     . DG  B 2 9  ? 7.536   5.329   -10.188 1.00 0.00 ? 19 DG  B C6     1 
ATOM   584 O O6     . DG  B 2 9  ? 7.394   4.255   -10.777 1.00 0.00 ? 19 DG  B O6     1 
ATOM   585 N N1     . DG  B 2 9  ? 8.624   5.418   -9.342  1.00 0.00 ? 19 DG  B N1     1 
ATOM   586 C C2     . DG  B 2 9  ? 8.866   6.483   -8.532  1.00 0.00 ? 19 DG  B C2     1 
ATOM   587 N N2     . DG  B 2 9  ? 9.950   6.415   -7.795  1.00 0.00 ? 19 DG  B N2     1 
ATOM   588 N N3     . DG  B 2 9  ? 8.110   7.588   -8.484  1.00 0.00 ? 19 DG  B N3     1 
ATOM   589 C C4     . DG  B 2 9  ? 7.074   7.575   -9.380  1.00 0.00 ? 19 DG  B C4     1 
ATOM   590 H "H5'"  . DG  B 2 9  ? 2.352   10.493  -8.518  1.00 0.00 ? 19 DG  B "H5'"  1 
ATOM   591 H "H5''" . DG  B 2 9  ? 2.392   12.260  -8.462  1.00 0.00 ? 19 DG  B "H5''" 1 
ATOM   592 H "H4'"  . DG  B 2 9  ? 4.232   11.620  -7.133  1.00 0.00 ? 19 DG  B "H4'"  1 
ATOM   593 H "H3'"  . DG  B 2 9  ? 4.914   12.961  -9.459  1.00 0.00 ? 19 DG  B "H3'"  1 
ATOM   594 H "H2'"  . DG  B 2 9  ? 5.449   10.973  -10.665 1.00 0.00 ? 19 DG  B "H2'"  1 
ATOM   595 H "H2''" . DG  B 2 9  ? 7.062   11.425  -10.031 1.00 0.00 ? 19 DG  B "H2''" 1 
ATOM   596 H "H1'"  . DG  B 2 9  ? 6.828   9.959   -8.140  1.00 0.00 ? 19 DG  B "H1'"  1 
ATOM   597 H H8     . DG  B 2 9  ? 4.608   8.733   -11.107 1.00 0.00 ? 19 DG  B H8     1 
ATOM   598 H H1     . DG  B 2 9  ? 9.248   4.617   -9.320  1.00 0.00 ? 19 DG  B H1     1 
ATOM   599 H H21    . DG  B 2 9  ? 10.592  5.615   -7.852  1.00 0.00 ? 19 DG  B H21    1 
ATOM   600 H H22    . DG  B 2 9  ? 10.095  7.167   -7.147  1.00 0.00 ? 19 DG  B H22    1 
ATOM   601 P P      . DT  B 2 10 ? 7.406   13.793  -8.307  1.00 0.00 ? 20 DT  B P      1 
ATOM   602 O OP1    . DT  B 2 10 ? 7.550   14.713  -7.159  1.00 0.00 ? 20 DT  B OP1    1 
ATOM   603 O OP2    . DT  B 2 10 ? 7.110   14.331  -9.653  1.00 0.00 ? 20 DT  B OP2    1 
ATOM   604 O "O5'"  . DT  B 2 10 ? 8.753   12.895  -8.402  1.00 0.00 ? 20 DT  B "O5'"  1 
ATOM   605 C "C5'"  . DT  B 2 10 ? 9.327   12.385  -7.209  1.00 0.00 ? 20 DT  B "C5'"  1 
ATOM   606 C "C4'"  . DT  B 2 10 ? 10.583  11.517  -7.382  1.00 0.00 ? 20 DT  B "C4'"  1 
ATOM   607 O "O4'"  . DT  B 2 10 ? 10.243  10.306  -8.032  1.00 0.00 ? 20 DT  B "O4'"  1 
ATOM   608 C "C3'"  . DT  B 2 10 ? 11.762  12.146  -8.143  1.00 0.00 ? 20 DT  B "C3'"  1 
ATOM   609 O "O3'"  . DT  B 2 10 ? 12.942  12.052  -7.362  1.00 0.00 ? 20 DT  B "O3'"  1 
ATOM   610 C "C2'"  . DT  B 2 10 ? 11.916  11.252  -9.369  1.00 0.00 ? 20 DT  B "C2'"  1 
ATOM   611 C "C1'"  . DT  B 2 10 ? 11.301  9.933   -8.891  1.00 0.00 ? 20 DT  B "C1'"  1 
ATOM   612 N N1     . DT  B 2 10 ? 10.738  9.147   -10.016 1.00 0.00 ? 20 DT  B N1     1 
ATOM   613 C C2     . DT  B 2 10 ? 11.350  7.945   -10.384 1.00 0.00 ? 20 DT  B C2     1 
ATOM   614 O O2     . DT  B 2 10 ? 12.361  7.507   -9.843  1.00 0.00 ? 20 DT  B O2     1 
ATOM   615 N N3     . DT  B 2 10 ? 10.778  7.264   -11.439 1.00 0.00 ? 20 DT  B N3     1 
ATOM   616 C C4     . DT  B 2 10 ? 9.685   7.682   -12.173 1.00 0.00 ? 20 DT  B C4     1 
ATOM   617 O O4     . DT  B 2 10 ? 9.267   6.959   -13.071 1.00 0.00 ? 20 DT  B O4     1 
ATOM   618 C C5     . DT  B 2 10 ? 9.147   8.980   -11.781 1.00 0.00 ? 20 DT  B C5     1 
ATOM   619 C C7     . DT  B 2 10 ? 8.035   9.628   -12.581 1.00 0.00 ? 20 DT  B C7     1 
ATOM   620 C C6     . DT  B 2 10 ? 9.664   9.647   -10.720 1.00 0.00 ? 20 DT  B C6     1 
ATOM   621 H "H5'"  . DT  B 2 10 ? 8.571   11.781  -6.705  1.00 0.00 ? 20 DT  B "H5'"  1 
ATOM   622 H "H5''" . DT  B 2 10 ? 9.576   13.226  -6.560  1.00 0.00 ? 20 DT  B "H5''" 1 
ATOM   623 H "H4'"  . DT  B 2 10 ? 10.937  11.271  -6.381  1.00 0.00 ? 20 DT  B "H4'"  1 
ATOM   624 H "H3'"  . DT  B 2 10 ? 11.553  13.180  -8.429  1.00 0.00 ? 20 DT  B "H3'"  1 
ATOM   625 H "HO3'" . DT  B 2 10 ? 13.692  12.377  -7.866  1.00 0.00 ? 20 DT  B "HO3'" 1 
ATOM   626 H "H2'"  . DT  B 2 10 ? 11.345  11.678  -10.193 1.00 0.00 ? 20 DT  B "H2'"  1 
ATOM   627 H "H2''" . DT  B 2 10 ? 12.959  11.120  -9.665  1.00 0.00 ? 20 DT  B "H2''" 1 
ATOM   628 H "H1'"  . DT  B 2 10 ? 12.045  9.356   -8.333  1.00 0.00 ? 20 DT  B "H1'"  1 
ATOM   629 H H3     . DT  B 2 10 ? 11.192  6.378   -11.712 1.00 0.00 ? 20 DT  B H3     1 
ATOM   630 H H71    . DT  B 2 10 ? 7.479   10.332  -11.970 1.00 0.00 ? 20 DT  B H71    1 
ATOM   631 H H72    . DT  B 2 10 ? 7.351   8.869   -12.962 1.00 0.00 ? 20 DT  B H72    1 
ATOM   632 H H73    . DT  B 2 10 ? 8.477   10.170  -13.417 1.00 0.00 ? 20 DT  B H73    1 
ATOM   633 H H6     . DT  B 2 10 ? 9.246   10.597  -10.409 1.00 0.00 ? 20 DT  B H6     1 
HETATM 634 C C8A    . AFN C 3 .  ? 0.995   1.953   3.947   1.00 0.00 ? 26 AFN A C8A    1 
HETATM 635 C C9     . AFN C 3 .  ? 1.527   1.058   2.813   1.00 0.00 ? 26 AFN A C9     1 
HETATM 636 O O9     . AFN C 3 .  ? 2.724   0.431   3.201   1.00 0.00 ? 26 AFN A O9     1 
HETATM 637 C C9A    . AFN C 3 .  ? 1.815   2.017   1.676   1.00 0.00 ? 26 AFN A C9A    1 
HETATM 638 C C9B    . AFN C 3 .  ? 0.612   2.446   0.911   1.00 0.00 ? 26 AFN A C9B    1 
HETATM 639 O O7     . AFN C 3 .  ? 1.859   3.079   3.827   1.00 0.00 ? 26 AFN A O7     1 
HETATM 640 C C6A    . AFN C 3 .  ? 2.188   3.295   2.454   1.00 0.00 ? 26 AFN A C6A    1 
HETATM 641 O O6A    . AFN C 3 .  ? 1.387   4.350   1.922   1.00 0.00 ? 26 AFN A O6A    1 
HETATM 642 C C5A    . AFN C 3 .  ? 0.435   3.768   1.126   1.00 0.00 ? 26 AFN A C5A    1 
HETATM 643 C C5B    . AFN C 3 .  ? -0.736  4.390   0.693   1.00 0.00 ? 26 AFN A C5B    1 
HETATM 644 C C4B    . AFN C 3 .  ? -1.722  3.618   0.067   1.00 0.00 ? 26 AFN A C4B    1 
HETATM 645 O O4     . AFN C 3 .  ? -2.849  4.229   -0.326  1.00 0.00 ? 26 AFN A O4     1 
HETATM 646 C CM     . AFN C 3 .  ? -2.795  5.121   -1.418  1.00 0.00 ? 26 AFN A CM     1 
HETATM 647 C C4A    . AFN C 3 .  ? -1.530  2.219   -0.140  1.00 0.00 ? 26 AFN A C4A    1 
HETATM 648 C C10    . AFN C 3 .  ? -0.325  1.666   0.270   1.00 0.00 ? 26 AFN A C10    1 
HETATM 649 O O10    . AFN C 3 .  ? -0.092  0.319   0.115   1.00 0.00 ? 26 AFN A O10    1 
HETATM 650 C C11    . AFN C 3 .  ? -1.029  -0.554  -0.465  1.00 0.00 ? 26 AFN A C11    1 
HETATM 651 O O11    . AFN C 3 .  ? -0.703  -1.733  -0.564  1.00 0.00 ? 26 AFN A O11    1 
HETATM 652 C C12    . AFN C 3 .  ? -2.266  0.039   -0.865  1.00 0.00 ? 26 AFN A C12    1 
HETATM 653 C C3A    . AFN C 3 .  ? -2.491  1.381   -0.688  1.00 0.00 ? 26 AFN A C3A    1 
HETATM 654 C C3     . AFN C 3 .  ? -3.886  1.746   -1.111  1.00 0.00 ? 26 AFN A C3     1 
HETATM 655 C C2A    . AFN C 3 .  ? -4.472  0.446   -1.642  1.00 0.00 ? 26 AFN A C2A    1 
HETATM 656 C C1     . AFN C 3 .  ? -3.395  -0.627  -1.431  1.00 0.00 ? 26 AFN A C1     1 
HETATM 657 O O1     . AFN C 3 .  ? -3.583  -1.809  -1.713  1.00 0.00 ? 26 AFN A O1     1 
HETATM 658 H H8A    . AFN C 3 .  ? 1.110   1.437   4.900   1.00 0.00 ? 26 AFN A H8A    1 
HETATM 659 H H9     . AFN C 3 .  ? 0.822   0.306   2.511   1.00 0.00 ? 26 AFN A H9     1 
HETATM 660 H HO9    . AFN C 3 .  ? 2.713   0.339   4.151   1.00 0.00 ? 26 AFN A HO9    1 
HETATM 661 H H9A    . AFN C 3 .  ? 2.602   1.663   1.013   1.00 0.00 ? 26 AFN A H9A    1 
HETATM 662 H H6A    . AFN C 3 .  ? 3.248   3.533   2.359   1.00 0.00 ? 26 AFN A H6A    1 
HETATM 663 H H5B    . AFN C 3 .  ? -0.908  5.431   0.887   1.00 0.00 ? 26 AFN A H5B    1 
HETATM 664 H HM1    . AFN C 3 .  ? -3.781  5.549   -1.589  1.00 0.00 ? 26 AFN A HM1    1 
HETATM 665 H HM2    . AFN C 3 .  ? -2.470  4.579   -2.304  1.00 0.00 ? 26 AFN A HM2    1 
HETATM 666 H HM3    . AFN C 3 .  ? -2.085  5.922   -1.208  1.00 0.00 ? 26 AFN A HM3    1 
HETATM 667 H H31    . AFN C 3 .  ? -3.876  2.498   -1.900  1.00 0.00 ? 26 AFN A H31    1 
HETATM 668 H H32    . AFN C 3 .  ? -4.465  2.094   -0.253  1.00 0.00 ? 26 AFN A H32    1 
HETATM 669 H H2A1   . AFN C 3 .  ? -4.697  0.562   -2.700  1.00 0.00 ? 26 AFN A H2A1   1 
HETATM 670 H H2A2   . AFN C 3 .  ? -5.377  0.179   -1.098  1.00 0.00 ? 26 AFN A H2A2   1 
# 
